data_9BA8
#
_entry.id   9BA8
#
_cell.length_a   132.096
_cell.length_b   134.580
_cell.length_c   61.000
_cell.angle_alpha   90.00
_cell.angle_beta   90.00
_cell.angle_gamma   90.00
#
_symmetry.space_group_name_H-M   'P 21 21 2'
#
loop_
_entity.id
_entity.type
_entity.pdbx_description
1 polymer 'Protein O-GlcNAcase'
2 non-polymer N-[4-fluoro-5-({(2S,4S)-2-methyl-4-[(5-methyl-1,2,4-oxadiazol-3-yl)methoxy]piperidin-1-yl}methyl)-1,3-thiazol-2-yl]acetamide
3 water water
#
_entity_poly.entity_id   1
_entity_poly.type   'polypeptide(L)'
_entity_poly.pdbx_seq_one_letter_code
;SLGGARRFLCGVVEGFYGRPWVMEQRKELFRRLQKWELNTYLYAPKDDYKHRMFWREMYSVEEAEQLMTLISAAREYEIE
FIYAISPGLDITFSNPKEVSTLKRKLDQVSQFGCRSFALLFDDIDHNMCAADKEVFSSFAHAQVSITNEIYQYLGEPETF
LFCPTEYCGTFCYPNVSQSPYLRTVGEKLLPGIEVLWTGPKVVSKEIPVESIEEVSKIIKRAPVIWDNIHANDYDQKRLF
LGPYKGRSTELIPRLKGVLTNPNCEFEANYVAIHTLATWYKSNMNYSPQMALKLALTEWLQEFGVPHQYSSRQVAHSGAK
ASVVDPGPNEKPLYTAEPVTLEDLQLLADLFYLPYEHGPKGAQMLREFQWLRANSSVVSVNSKGKDSEKIEEWRSRAAKF
EEMCGLVMGMFTRLSNCANRTILYDMYSYVWDIKSIMSMVKSFVQWLGERSHSSAQFLIGDQEPWAFRGGLAGEFQRLLP
IDGANDLFFQPPPLTPTSK
;
_entity_poly.pdbx_strand_id   A,B
#
# COMPACT_ATOMS: atom_id res chain seq x y z
N ARG A 6 -22.21 32.63 -8.92
CA ARG A 6 -22.59 31.22 -9.10
C ARG A 6 -21.56 30.24 -8.50
N ARG A 7 -21.89 29.63 -7.35
CA ARG A 7 -21.03 28.66 -6.67
C ARG A 7 -21.01 27.34 -7.46
N PHE A 8 -19.81 26.78 -7.68
CA PHE A 8 -19.64 25.52 -8.40
C PHE A 8 -18.62 24.68 -7.65
N LEU A 9 -19.05 23.51 -7.20
CA LEU A 9 -18.22 22.60 -6.43
C LEU A 9 -17.35 21.75 -7.35
N CYS A 10 -16.06 22.08 -7.41
CA CYS A 10 -15.14 21.27 -8.17
C CYS A 10 -13.97 20.78 -7.32
N GLY A 11 -13.79 19.47 -7.37
CA GLY A 11 -12.74 18.85 -6.59
C GLY A 11 -12.80 17.34 -6.54
N VAL A 12 -12.47 16.82 -5.34
CA VAL A 12 -12.31 15.40 -5.08
C VAL A 12 -13.26 14.89 -4.02
N VAL A 13 -13.74 13.67 -4.25
CA VAL A 13 -14.47 12.88 -3.29
C VAL A 13 -13.57 11.66 -2.92
N GLU A 14 -13.18 11.55 -1.63
CA GLU A 14 -12.48 10.35 -1.18
C GLU A 14 -13.66 9.43 -0.78
N GLY A 15 -14.19 8.69 -1.75
CA GLY A 15 -15.41 7.91 -1.57
C GLY A 15 -15.36 6.47 -2.03
N PHE A 16 -14.21 5.83 -1.93
CA PHE A 16 -14.02 4.45 -2.37
C PHE A 16 -13.89 3.52 -1.20
N TYR A 17 -13.85 2.22 -1.50
CA TYR A 17 -13.53 1.12 -0.58
C TYR A 17 -12.01 0.97 -0.73
N GLY A 18 -11.33 0.69 0.36
CA GLY A 18 -9.89 0.52 0.36
C GLY A 18 -9.27 1.37 1.45
N ARG A 19 -7.96 1.25 1.62
CA ARG A 19 -7.22 2.02 2.60
C ARG A 19 -7.48 3.53 2.42
N PRO A 20 -8.06 4.20 3.43
CA PRO A 20 -8.25 5.66 3.34
C PRO A 20 -6.90 6.39 3.27
N TRP A 21 -6.90 7.57 2.67
CA TRP A 21 -5.69 8.42 2.59
C TRP A 21 -5.33 8.91 3.99
N VAL A 22 -4.07 9.29 4.19
CA VAL A 22 -3.58 9.73 5.51
C VAL A 22 -3.47 11.25 5.56
N MET A 23 -3.22 11.80 6.76
CA MET A 23 -3.12 13.23 6.99
C MET A 23 -2.20 13.95 5.98
N GLU A 24 -0.97 13.43 5.85
CA GLU A 24 0.08 13.92 4.99
C GLU A 24 -0.42 14.05 3.54
N GLN A 25 -1.10 12.99 3.04
CA GLN A 25 -1.66 12.94 1.70
C GLN A 25 -2.77 13.97 1.49
N ARG A 26 -3.74 14.02 2.41
CA ARG A 26 -4.88 14.95 2.33
C ARG A 26 -4.45 16.40 2.36
N LYS A 27 -3.45 16.73 3.21
CA LYS A 27 -2.89 18.09 3.27
C LYS A 27 -2.27 18.43 1.91
N GLU A 28 -1.60 17.44 1.28
CA GLU A 28 -0.98 17.61 -0.03
C GLU A 28 -2.05 17.81 -1.10
N LEU A 29 -3.16 17.05 -1.00
CA LEU A 29 -4.31 17.16 -1.87
C LEU A 29 -4.85 18.59 -1.80
N PHE A 30 -4.98 19.16 -0.57
CA PHE A 30 -5.49 20.54 -0.40
C PHE A 30 -4.56 21.57 -1.05
N ARG A 31 -3.22 21.39 -0.94
CA ARG A 31 -2.25 22.27 -1.58
C ARG A 31 -2.46 22.23 -3.10
N ARG A 32 -2.58 21.01 -3.68
CA ARG A 32 -2.77 20.79 -5.12
C ARG A 32 -4.08 21.37 -5.68
N LEU A 33 -5.21 21.19 -4.93
CA LEU A 33 -6.52 21.68 -5.34
C LEU A 33 -6.50 23.20 -5.47
N GLN A 34 -5.92 23.89 -4.48
CA GLN A 34 -5.80 25.34 -4.45
C GLN A 34 -4.96 25.84 -5.63
N LYS A 35 -3.73 25.31 -5.80
CA LYS A 35 -2.85 25.72 -6.89
C LYS A 35 -3.49 25.50 -8.28
N TRP A 36 -4.35 24.46 -8.41
CA TRP A 36 -5.06 24.14 -9.66
C TRP A 36 -6.45 24.79 -9.73
N GLU A 37 -6.72 25.74 -8.79
CA GLU A 37 -7.95 26.54 -8.69
C GLU A 37 -9.26 25.70 -8.52
N LEU A 38 -9.16 24.52 -7.85
CA LEU A 38 -10.30 23.66 -7.50
C LEU A 38 -10.67 24.05 -6.08
N ASN A 39 -11.86 23.69 -5.60
CA ASN A 39 -12.31 24.24 -4.32
C ASN A 39 -12.98 23.30 -3.32
N THR A 40 -13.23 22.05 -3.69
CA THR A 40 -13.99 21.19 -2.80
C THR A 40 -13.35 19.86 -2.54
N TYR A 41 -13.61 19.37 -1.30
CA TYR A 41 -13.20 18.04 -0.86
C TYR A 41 -14.36 17.37 -0.11
N LEU A 42 -14.86 16.27 -0.63
CA LEU A 42 -15.91 15.50 0.04
C LEU A 42 -15.26 14.31 0.78
N TYR A 43 -15.34 14.32 2.13
CA TYR A 43 -14.81 13.27 3.00
C TYR A 43 -15.84 12.15 3.06
N ALA A 44 -15.57 11.02 2.40
CA ALA A 44 -16.51 9.90 2.41
C ALA A 44 -15.79 8.52 2.33
N PRO A 45 -14.66 8.27 3.04
CA PRO A 45 -14.03 6.95 2.88
C PRO A 45 -14.95 5.85 3.37
N LYS A 46 -15.34 4.91 2.47
CA LYS A 46 -16.22 3.79 2.82
C LYS A 46 -15.65 3.00 4.01
N ASP A 47 -14.29 2.90 4.12
CA ASP A 47 -13.66 2.13 5.17
C ASP A 47 -13.21 2.92 6.39
N ASP A 48 -13.71 4.17 6.59
CA ASP A 48 -13.54 4.82 7.88
C ASP A 48 -14.75 4.18 8.58
N TYR A 49 -14.44 3.28 9.53
CA TYR A 49 -15.45 2.48 10.24
C TYR A 49 -16.55 3.32 10.89
N LYS A 50 -16.26 4.57 11.22
CA LYS A 50 -17.24 5.44 11.83
C LYS A 50 -17.98 6.35 10.81
N HIS A 51 -17.67 6.22 9.51
CA HIS A 51 -18.36 6.97 8.47
C HIS A 51 -19.60 6.18 8.02
N ARG A 52 -19.48 4.85 7.96
CA ARG A 52 -20.53 3.98 7.43
C ARG A 52 -20.88 2.83 8.36
N MET A 53 -20.07 1.75 8.40
CA MET A 53 -20.26 0.53 9.21
C MET A 53 -20.78 0.80 10.63
N PHE A 54 -20.12 1.73 11.36
CA PHE A 54 -20.47 2.13 12.70
C PHE A 54 -20.68 3.62 12.77
N TRP A 55 -21.53 4.12 11.87
CA TRP A 55 -21.92 5.52 11.75
C TRP A 55 -22.42 6.12 13.07
N ARG A 56 -22.95 5.28 13.98
CA ARG A 56 -23.49 5.68 15.30
C ARG A 56 -22.43 6.09 16.31
N GLU A 57 -21.27 5.42 16.30
CA GLU A 57 -20.16 5.62 17.22
C GLU A 57 -19.50 6.98 17.10
N MET A 58 -19.23 7.65 18.23
CA MET A 58 -18.53 8.95 18.26
C MET A 58 -17.07 8.70 17.96
N TYR A 59 -16.39 9.71 17.41
CA TYR A 59 -14.97 9.63 17.18
C TYR A 59 -14.25 9.76 18.52
N SER A 60 -13.19 8.93 18.71
CA SER A 60 -12.33 8.93 19.89
C SER A 60 -11.57 10.26 19.95
N VAL A 61 -10.82 10.51 21.05
CA VAL A 61 -10.08 11.74 21.28
C VAL A 61 -8.97 11.87 20.23
N GLU A 62 -8.34 10.74 19.87
CA GLU A 62 -7.29 10.70 18.86
C GLU A 62 -7.87 11.03 17.48
N GLU A 63 -9.00 10.36 17.14
CA GLU A 63 -9.74 10.60 15.90
C GLU A 63 -10.21 12.08 15.79
N ALA A 64 -10.67 12.65 16.91
CA ALA A 64 -11.11 14.05 17.03
C ALA A 64 -10.00 15.03 16.69
N GLU A 65 -8.78 14.83 17.27
CA GLU A 65 -7.61 15.70 17.02
C GLU A 65 -7.23 15.69 15.54
N GLN A 66 -7.30 14.49 14.92
CA GLN A 66 -7.00 14.32 13.49
C GLN A 66 -8.02 15.04 12.62
N LEU A 67 -9.32 14.87 12.90
CA LEU A 67 -10.35 15.57 12.16
C LEU A 67 -10.23 17.09 12.28
N MET A 68 -9.94 17.61 13.49
CA MET A 68 -9.72 19.06 13.72
C MET A 68 -8.57 19.59 12.87
N THR A 69 -7.44 18.86 12.87
CA THR A 69 -6.24 19.15 12.09
C THR A 69 -6.55 19.17 10.59
N LEU A 70 -7.27 18.13 10.15
CA LEU A 70 -7.68 17.95 8.77
C LEU A 70 -8.55 19.10 8.29
N ILE A 71 -9.58 19.45 9.10
CA ILE A 71 -10.52 20.54 8.81
C ILE A 71 -9.78 21.91 8.79
N SER A 72 -8.80 22.12 9.70
CA SER A 72 -8.01 23.36 9.73
C SER A 72 -7.15 23.47 8.48
N ALA A 73 -6.61 22.32 7.98
CA ALA A 73 -5.80 22.29 6.77
C ALA A 73 -6.63 22.69 5.55
N ALA A 74 -7.88 22.19 5.44
CA ALA A 74 -8.82 22.56 4.37
C ALA A 74 -9.06 24.07 4.38
N ARG A 75 -9.33 24.66 5.56
CA ARG A 75 -9.56 26.09 5.74
C ARG A 75 -8.34 26.92 5.30
N GLU A 76 -7.13 26.47 5.73
CA GLU A 76 -5.84 27.05 5.40
C GLU A 76 -5.63 27.16 3.88
N TYR A 77 -6.09 26.16 3.08
CA TYR A 77 -5.89 26.17 1.63
C TYR A 77 -7.15 26.54 0.88
N GLU A 78 -8.12 27.15 1.61
CA GLU A 78 -9.39 27.61 1.07
C GLU A 78 -10.13 26.51 0.29
N ILE A 79 -10.18 25.30 0.87
CA ILE A 79 -10.92 24.18 0.27
C ILE A 79 -12.14 23.94 1.15
N GLU A 80 -13.33 23.80 0.53
CA GLU A 80 -14.53 23.46 1.28
C GLU A 80 -14.45 21.99 1.66
N PHE A 81 -14.46 21.71 2.97
CA PHE A 81 -14.45 20.36 3.54
C PHE A 81 -15.91 19.94 3.75
N ILE A 82 -16.30 18.80 3.18
CA ILE A 82 -17.65 18.30 3.35
C ILE A 82 -17.58 16.98 4.05
N TYR A 83 -18.22 16.86 5.21
CA TYR A 83 -18.23 15.59 5.93
C TYR A 83 -19.46 14.80 5.52
N ALA A 84 -19.24 13.60 4.98
CA ALA A 84 -20.32 12.70 4.63
C ALA A 84 -20.51 11.62 5.70
N ILE A 85 -21.76 11.16 5.89
CA ILE A 85 -22.18 10.07 6.78
C ILE A 85 -23.13 9.11 6.02
N SER A 86 -22.93 7.80 6.20
CA SER A 86 -23.71 6.79 5.50
C SER A 86 -24.41 5.88 6.51
N PRO A 87 -25.67 6.23 6.91
CA PRO A 87 -26.35 5.42 7.94
C PRO A 87 -27.27 4.31 7.43
N GLY A 88 -27.43 4.25 6.11
CA GLY A 88 -28.35 3.40 5.38
C GLY A 88 -28.31 1.88 5.52
N LEU A 89 -27.19 1.31 6.00
CA LEU A 89 -27.11 -0.16 6.12
C LEU A 89 -28.02 -0.71 7.24
N ASP A 90 -28.14 0.03 8.36
CA ASP A 90 -28.87 -0.50 9.51
C ASP A 90 -29.72 0.53 10.28
N ILE A 91 -29.92 1.75 9.73
CA ILE A 91 -30.76 2.75 10.37
C ILE A 91 -32.26 2.38 10.31
N THR A 92 -32.98 2.70 11.38
CA THR A 92 -34.43 2.57 11.44
C THR A 92 -34.82 4.05 11.39
N PHE A 93 -35.22 4.53 10.18
CA PHE A 93 -35.60 5.93 9.95
C PHE A 93 -36.70 6.42 10.90
N SER A 94 -37.68 5.55 11.19
CA SER A 94 -38.84 5.79 12.05
C SER A 94 -38.51 5.89 13.54
N ASN A 95 -37.26 5.62 13.95
CA ASN A 95 -36.90 5.69 15.36
C ASN A 95 -36.29 7.04 15.76
N PRO A 96 -36.98 7.76 16.68
CA PRO A 96 -36.44 9.06 17.17
C PRO A 96 -35.02 9.00 17.74
N LYS A 97 -34.66 7.87 18.36
CA LYS A 97 -33.35 7.64 18.97
C LYS A 97 -32.26 7.56 17.86
N GLU A 98 -32.57 6.92 16.72
CA GLU A 98 -31.68 6.84 15.55
C GLU A 98 -31.40 8.24 14.96
N VAL A 99 -32.46 9.08 14.86
CA VAL A 99 -32.38 10.46 14.37
C VAL A 99 -31.47 11.34 15.26
N SER A 100 -31.62 11.26 16.60
CA SER A 100 -30.76 12.06 17.49
C SER A 100 -29.31 11.55 17.55
N THR A 101 -29.08 10.26 17.24
CA THR A 101 -27.75 9.67 17.17
C THR A 101 -27.00 10.26 15.96
N LEU A 102 -27.71 10.32 14.81
CA LEU A 102 -27.24 10.94 13.56
C LEU A 102 -26.92 12.41 13.82
N LYS A 103 -27.78 13.09 14.62
CA LYS A 103 -27.58 14.51 14.96
C LYS A 103 -26.37 14.68 15.87
N ARG A 104 -26.22 13.74 16.83
CA ARG A 104 -25.14 13.72 17.81
C ARG A 104 -23.80 13.59 17.09
N LYS A 105 -23.74 12.65 16.14
CA LYS A 105 -22.58 12.38 15.30
C LYS A 105 -22.16 13.58 14.45
N LEU A 106 -23.10 14.26 13.80
CA LEU A 106 -22.76 15.42 12.99
C LEU A 106 -22.48 16.68 13.84
N ASP A 107 -23.03 16.74 15.07
CA ASP A 107 -22.69 17.83 15.99
C ASP A 107 -21.25 17.69 16.44
N GLN A 108 -20.75 16.42 16.57
CA GLN A 108 -19.39 16.15 16.99
C GLN A 108 -18.42 16.68 15.93
N VAL A 109 -18.63 16.27 14.68
CA VAL A 109 -17.83 16.71 13.53
C VAL A 109 -17.95 18.23 13.32
N SER A 110 -19.15 18.79 13.60
CA SER A 110 -19.32 20.24 13.50
C SER A 110 -18.47 20.95 14.54
N GLN A 111 -18.36 20.35 15.75
CA GLN A 111 -17.52 20.89 16.83
C GLN A 111 -16.02 20.84 16.49
N PHE A 112 -15.63 20.05 15.46
CA PHE A 112 -14.26 19.98 14.96
C PHE A 112 -13.98 21.12 13.94
N GLY A 113 -15.02 21.92 13.65
CA GLY A 113 -14.95 23.05 12.74
C GLY A 113 -15.55 22.83 11.35
N CYS A 114 -16.28 21.71 11.15
CA CYS A 114 -16.87 21.40 9.87
C CYS A 114 -18.13 22.19 9.68
N ARG A 115 -18.30 22.79 8.49
CA ARG A 115 -19.44 23.61 8.14
C ARG A 115 -20.34 22.99 7.08
N SER A 116 -19.79 22.08 6.25
CA SER A 116 -20.55 21.46 5.16
C SER A 116 -20.73 19.99 5.41
N PHE A 117 -21.90 19.44 4.97
CA PHE A 117 -22.24 18.06 5.25
C PHE A 117 -22.92 17.34 4.09
N ALA A 118 -22.97 16.00 4.19
CA ALA A 118 -23.59 15.15 3.18
C ALA A 118 -24.21 13.91 3.82
N LEU A 119 -25.36 13.46 3.29
CA LEU A 119 -26.00 12.22 3.72
C LEU A 119 -25.99 11.31 2.50
N LEU A 120 -25.29 10.17 2.60
CA LEU A 120 -25.18 9.24 1.48
C LEU A 120 -26.01 7.99 1.68
N PHE A 121 -26.73 7.56 0.61
CA PHE A 121 -27.60 6.38 0.64
C PHE A 121 -27.29 5.43 -0.50
N ASP A 122 -26.03 5.51 -0.94
CA ASP A 122 -25.48 4.69 -1.99
C ASP A 122 -25.09 3.29 -1.49
N ASP A 123 -25.40 2.28 -2.33
CA ASP A 123 -25.04 0.87 -2.18
C ASP A 123 -25.67 0.22 -0.95
N ILE A 124 -26.99 0.39 -0.84
CA ILE A 124 -27.77 -0.18 0.25
C ILE A 124 -28.99 -0.90 -0.28
N ASP A 125 -29.45 -1.92 0.49
CA ASP A 125 -30.65 -2.70 0.22
C ASP A 125 -31.86 -1.75 0.24
N HIS A 126 -32.69 -1.85 -0.81
CA HIS A 126 -33.91 -1.07 -1.03
C HIS A 126 -35.04 -1.41 -0.05
N ASN A 127 -35.00 -2.62 0.57
CA ASN A 127 -36.01 -3.17 1.48
C ASN A 127 -35.92 -2.64 2.89
N MET A 128 -36.99 -1.94 3.30
CA MET A 128 -37.17 -1.33 4.62
C MET A 128 -37.66 -2.32 5.66
N CYS A 129 -37.44 -1.98 6.95
CA CYS A 129 -37.94 -2.80 8.04
C CYS A 129 -39.44 -2.52 8.24
N ALA A 130 -40.16 -3.45 8.91
CA ALA A 130 -41.61 -3.36 9.13
C ALA A 130 -42.01 -2.07 9.83
N ALA A 131 -41.19 -1.63 10.81
CA ALA A 131 -41.41 -0.40 11.58
C ALA A 131 -41.39 0.84 10.67
N ASP A 132 -40.54 0.81 9.63
CA ASP A 132 -40.36 1.91 8.67
C ASP A 132 -41.49 1.96 7.67
N LYS A 133 -41.95 0.77 7.24
CA LYS A 133 -43.05 0.56 6.30
C LYS A 133 -44.35 1.14 6.88
N GLU A 134 -44.56 0.99 8.21
CA GLU A 134 -45.71 1.54 8.94
C GLU A 134 -45.72 3.08 9.00
N VAL A 135 -44.56 3.74 8.77
CA VAL A 135 -44.42 5.19 8.87
C VAL A 135 -44.21 5.88 7.51
N PHE A 136 -43.48 5.24 6.56
CA PHE A 136 -43.19 5.88 5.26
C PHE A 136 -43.76 5.12 4.07
N SER A 137 -44.38 5.84 3.11
CA SER A 137 -45.01 5.32 1.87
C SER A 137 -43.99 4.54 1.03
N SER A 138 -42.72 4.93 1.13
CA SER A 138 -41.60 4.33 0.39
C SER A 138 -40.27 4.64 1.07
N PHE A 139 -39.22 4.00 0.56
CA PHE A 139 -37.83 4.10 0.95
C PHE A 139 -37.33 5.54 0.76
N ALA A 140 -37.71 6.15 -0.38
CA ALA A 140 -37.41 7.54 -0.74
C ALA A 140 -38.02 8.49 0.29
N HIS A 141 -39.27 8.20 0.76
CA HIS A 141 -39.94 9.02 1.76
C HIS A 141 -39.14 9.06 3.04
N ALA A 142 -38.67 7.87 3.50
CA ALA A 142 -37.85 7.69 4.71
C ALA A 142 -36.55 8.52 4.68
N GLN A 143 -35.81 8.41 3.57
CA GLN A 143 -34.54 9.08 3.34
C GLN A 143 -34.71 10.60 3.32
N VAL A 144 -35.64 11.11 2.50
CA VAL A 144 -35.93 12.54 2.34
C VAL A 144 -36.33 13.14 3.68
N SER A 145 -37.16 12.40 4.43
CA SER A 145 -37.64 12.81 5.74
C SER A 145 -36.47 13.11 6.67
N ILE A 146 -35.54 12.14 6.82
CA ILE A 146 -34.40 12.29 7.73
C ILE A 146 -33.39 13.30 7.18
N THR A 147 -33.17 13.30 5.84
CA THR A 147 -32.25 14.27 5.20
C THR A 147 -32.72 15.71 5.41
N ASN A 148 -34.04 15.96 5.30
CA ASN A 148 -34.59 17.31 5.52
C ASN A 148 -34.46 17.73 6.97
N GLU A 149 -34.70 16.78 7.88
CA GLU A 149 -34.56 17.00 9.32
C GLU A 149 -33.12 17.38 9.72
N ILE A 150 -32.10 16.66 9.19
CA ILE A 150 -30.68 16.93 9.46
C ILE A 150 -30.27 18.27 8.90
N TYR A 151 -30.58 18.50 7.60
CA TYR A 151 -30.28 19.76 6.94
C TYR A 151 -30.80 20.96 7.76
N GLN A 152 -32.08 20.93 8.17
CA GLN A 152 -32.68 22.01 8.96
C GLN A 152 -32.09 22.08 10.36
N TYR A 153 -31.87 20.91 11.01
CA TYR A 153 -31.26 20.85 12.34
C TYR A 153 -29.85 21.48 12.34
N LEU A 154 -29.10 21.33 11.25
CA LEU A 154 -27.76 21.90 11.16
C LEU A 154 -27.79 23.37 10.70
N GLY A 155 -28.98 23.99 10.76
CA GLY A 155 -29.22 25.39 10.43
C GLY A 155 -29.13 25.68 8.95
N GLU A 156 -29.55 24.70 8.12
CA GLU A 156 -29.55 24.78 6.66
C GLU A 156 -28.17 25.23 6.09
N PRO A 157 -27.10 24.41 6.19
CA PRO A 157 -25.78 24.84 5.68
C PRO A 157 -25.77 25.19 4.20
N GLU A 158 -24.90 26.16 3.84
CA GLU A 158 -24.69 26.59 2.46
C GLU A 158 -24.42 25.40 1.55
N THR A 159 -23.56 24.46 2.00
CA THR A 159 -23.20 23.26 1.25
C THR A 159 -23.69 22.04 2.00
N PHE A 160 -24.74 21.39 1.45
CA PHE A 160 -25.34 20.17 1.99
C PHE A 160 -25.71 19.28 0.85
N LEU A 161 -25.17 18.04 0.82
CA LEU A 161 -25.42 17.08 -0.27
C LEU A 161 -26.18 15.84 0.15
N PHE A 162 -26.88 15.24 -0.81
CA PHE A 162 -27.66 14.02 -0.64
C PHE A 162 -27.25 13.05 -1.75
N CYS A 163 -26.89 11.82 -1.38
CA CYS A 163 -26.59 10.85 -2.41
C CYS A 163 -27.70 9.84 -2.45
N PRO A 164 -28.39 9.76 -3.61
CA PRO A 164 -29.52 8.83 -3.69
C PRO A 164 -29.08 7.39 -3.85
N THR A 165 -29.99 6.46 -3.52
CA THR A 165 -29.78 5.03 -3.68
C THR A 165 -29.74 4.73 -5.17
N GLU A 166 -30.53 5.48 -5.97
CA GLU A 166 -30.59 5.39 -7.44
C GLU A 166 -29.80 6.61 -7.92
N TYR A 167 -28.46 6.47 -7.93
CA TYR A 167 -27.49 7.54 -8.20
C TYR A 167 -26.92 7.56 -9.62
N CYS A 168 -27.36 6.61 -10.46
CA CYS A 168 -26.97 6.52 -11.87
C CYS A 168 -28.13 5.88 -12.66
N GLY A 169 -28.15 6.19 -13.97
CA GLY A 169 -29.11 5.67 -14.95
C GLY A 169 -29.46 4.22 -14.77
N THR A 170 -28.45 3.33 -14.76
CA THR A 170 -28.66 1.89 -14.60
C THR A 170 -29.29 1.50 -13.27
N PHE A 171 -29.16 2.33 -12.21
CA PHE A 171 -29.71 2.04 -10.87
C PHE A 171 -31.15 2.53 -10.69
N CYS A 172 -31.68 3.27 -11.69
CA CYS A 172 -33.05 3.79 -11.66
C CYS A 172 -34.06 2.75 -12.10
N TYR A 173 -35.06 2.51 -11.23
CA TYR A 173 -36.18 1.60 -11.47
C TYR A 173 -37.49 2.39 -11.70
N PRO A 174 -38.18 2.19 -12.88
CA PRO A 174 -37.81 1.31 -14.01
C PRO A 174 -36.81 1.94 -14.99
N ASN A 175 -36.60 3.27 -14.87
CA ASN A 175 -35.72 4.12 -15.68
C ASN A 175 -35.61 5.50 -14.98
N VAL A 176 -34.80 6.43 -15.52
CA VAL A 176 -34.58 7.74 -14.94
C VAL A 176 -35.86 8.58 -14.94
N SER A 177 -36.45 8.81 -16.13
CA SER A 177 -37.64 9.66 -16.33
C SER A 177 -38.88 9.25 -15.53
N GLN A 178 -39.09 7.92 -15.32
CA GLN A 178 -40.26 7.35 -14.64
C GLN A 178 -39.97 6.72 -13.26
N SER A 179 -38.83 7.05 -12.62
CA SER A 179 -38.53 6.51 -11.29
C SER A 179 -39.42 7.13 -10.18
N PRO A 180 -40.21 6.30 -9.47
CA PRO A 180 -41.01 6.83 -8.34
C PRO A 180 -40.12 7.30 -7.18
N TYR A 181 -38.95 6.63 -6.99
CA TYR A 181 -37.92 6.98 -5.99
C TYR A 181 -37.40 8.40 -6.27
N LEU A 182 -36.94 8.66 -7.52
CA LEU A 182 -36.45 9.98 -7.91
C LEU A 182 -37.56 11.01 -7.89
N ARG A 183 -38.81 10.60 -8.27
CA ARG A 183 -40.00 11.46 -8.26
C ARG A 183 -40.17 12.05 -6.85
N THR A 184 -40.15 11.17 -5.81
CA THR A 184 -40.25 11.58 -4.39
C THR A 184 -39.10 12.51 -4.03
N VAL A 185 -37.86 12.12 -4.45
CA VAL A 185 -36.66 12.92 -4.21
C VAL A 185 -36.83 14.36 -4.73
N GLY A 186 -37.23 14.50 -5.99
CA GLY A 186 -37.42 15.80 -6.62
C GLY A 186 -38.50 16.65 -5.99
N GLU A 187 -39.58 15.98 -5.53
CA GLU A 187 -40.73 16.66 -4.93
C GLU A 187 -40.57 17.03 -3.49
N LYS A 188 -39.98 16.14 -2.69
CA LYS A 188 -39.91 16.35 -1.25
C LYS A 188 -38.55 16.81 -0.72
N LEU A 189 -37.44 16.56 -1.45
CA LEU A 189 -36.15 17.01 -0.93
C LEU A 189 -36.01 18.51 -1.00
N LEU A 190 -35.78 19.14 0.14
CA LEU A 190 -35.64 20.59 0.26
C LEU A 190 -34.79 21.18 -0.87
N PRO A 191 -35.24 22.30 -1.48
CA PRO A 191 -34.51 22.87 -2.62
C PRO A 191 -33.02 23.17 -2.40
N GLY A 192 -32.65 23.54 -1.18
CA GLY A 192 -31.27 23.90 -0.84
C GLY A 192 -30.26 22.76 -0.76
N ILE A 193 -30.74 21.51 -0.90
CA ILE A 193 -29.94 20.29 -0.79
C ILE A 193 -29.52 19.84 -2.19
N GLU A 194 -28.22 19.48 -2.35
CA GLU A 194 -27.73 19.02 -3.64
C GLU A 194 -27.87 17.54 -3.81
N VAL A 195 -28.00 17.09 -5.06
CA VAL A 195 -28.18 15.68 -5.36
C VAL A 195 -26.97 15.19 -6.15
N LEU A 196 -26.28 14.14 -5.62
CA LEU A 196 -25.11 13.56 -6.28
C LEU A 196 -25.56 12.54 -7.35
N TRP A 197 -24.82 12.48 -8.46
CA TRP A 197 -25.18 11.65 -9.62
C TRP A 197 -23.92 11.21 -10.35
N THR A 198 -23.84 9.93 -10.71
CA THR A 198 -22.63 9.43 -11.38
C THR A 198 -22.75 9.31 -12.92
N GLY A 199 -23.88 9.77 -13.47
CA GLY A 199 -24.19 9.72 -14.89
C GLY A 199 -24.94 8.46 -15.26
N PRO A 200 -24.86 8.00 -16.53
CA PRO A 200 -25.62 6.79 -16.95
C PRO A 200 -25.29 5.49 -16.20
N LYS A 201 -24.05 5.37 -15.71
CA LYS A 201 -23.59 4.16 -15.02
C LYS A 201 -22.83 4.57 -13.76
N VAL A 202 -22.43 3.57 -12.94
CA VAL A 202 -21.60 3.81 -11.76
C VAL A 202 -20.28 4.39 -12.27
N VAL A 203 -19.69 3.75 -13.30
CA VAL A 203 -18.48 4.23 -13.95
C VAL A 203 -18.95 4.59 -15.35
N SER A 204 -19.19 5.89 -15.58
CA SER A 204 -19.72 6.34 -16.88
C SER A 204 -18.63 6.61 -17.89
N LYS A 205 -18.69 5.91 -19.06
CA LYS A 205 -17.77 6.11 -20.18
C LYS A 205 -17.90 7.56 -20.64
N GLU A 206 -19.15 8.02 -20.79
CA GLU A 206 -19.50 9.39 -21.17
C GLU A 206 -20.68 9.81 -20.38
N ILE A 207 -20.77 11.11 -20.09
CA ILE A 207 -21.92 11.72 -19.43
C ILE A 207 -22.55 12.70 -20.48
N PRO A 208 -23.49 12.19 -21.32
CA PRO A 208 -24.12 13.04 -22.35
C PRO A 208 -25.04 14.11 -21.74
N VAL A 209 -25.00 15.35 -22.29
CA VAL A 209 -25.84 16.50 -21.87
C VAL A 209 -27.35 16.12 -21.72
N GLU A 210 -27.87 15.38 -22.69
CA GLU A 210 -29.27 14.89 -22.72
C GLU A 210 -29.64 14.05 -21.48
N SER A 211 -28.66 13.27 -20.95
CA SER A 211 -28.90 12.44 -19.76
C SER A 211 -29.02 13.30 -18.49
N ILE A 212 -28.30 14.45 -18.45
CA ILE A 212 -28.33 15.41 -17.35
C ILE A 212 -29.65 16.17 -17.34
N GLU A 213 -30.19 16.51 -18.55
CA GLU A 213 -31.49 17.15 -18.73
C GLU A 213 -32.55 16.17 -18.25
N GLU A 214 -32.40 14.87 -18.63
CA GLU A 214 -33.32 13.82 -18.24
C GLU A 214 -33.49 13.78 -16.71
N VAL A 215 -32.38 13.53 -15.97
CA VAL A 215 -32.33 13.45 -14.50
C VAL A 215 -32.69 14.77 -13.82
N SER A 216 -32.24 15.95 -14.35
CA SER A 216 -32.52 17.25 -13.75
C SER A 216 -34.02 17.51 -13.67
N LYS A 217 -34.81 17.01 -14.67
CA LYS A 217 -36.25 17.16 -14.70
C LYS A 217 -36.91 16.43 -13.54
N ILE A 218 -36.62 15.11 -13.35
CA ILE A 218 -37.23 14.32 -12.27
C ILE A 218 -36.71 14.72 -10.85
N ILE A 219 -35.42 15.15 -10.71
CA ILE A 219 -34.90 15.56 -9.39
C ILE A 219 -35.18 17.04 -9.13
N LYS A 220 -35.63 17.76 -10.19
CA LYS A 220 -36.04 19.18 -10.19
C LYS A 220 -34.92 20.14 -9.78
N ARG A 221 -33.67 19.80 -10.19
CA ARG A 221 -32.46 20.60 -9.93
C ARG A 221 -31.27 20.10 -10.74
N ALA A 222 -30.27 20.98 -10.96
CA ALA A 222 -28.99 20.58 -11.60
C ALA A 222 -28.18 19.75 -10.56
N PRO A 223 -27.70 18.53 -10.92
CA PRO A 223 -26.96 17.74 -9.91
C PRO A 223 -25.46 18.08 -9.80
N VAL A 224 -24.82 17.47 -8.78
CA VAL A 224 -23.38 17.50 -8.56
C VAL A 224 -22.94 16.11 -9.00
N ILE A 225 -22.06 16.06 -10.00
CA ILE A 225 -21.53 14.79 -10.47
C ILE A 225 -20.53 14.26 -9.41
N TRP A 226 -20.71 13.00 -9.01
CA TRP A 226 -19.79 12.20 -8.23
C TRP A 226 -19.25 11.33 -9.38
N ASP A 227 -18.04 11.64 -9.85
CA ASP A 227 -17.46 10.97 -11.01
C ASP A 227 -16.59 9.78 -10.65
N ASN A 228 -16.89 8.61 -11.23
CA ASN A 228 -16.13 7.40 -10.96
C ASN A 228 -15.22 6.99 -12.14
N ILE A 229 -14.96 7.91 -13.07
CA ILE A 229 -14.07 7.69 -14.22
C ILE A 229 -12.69 7.06 -13.83
N HIS A 230 -12.03 7.60 -12.77
CA HIS A 230 -10.70 7.16 -12.34
C HIS A 230 -10.68 6.26 -11.11
N ALA A 231 -11.86 5.80 -10.67
CA ALA A 231 -12.01 4.92 -9.52
C ALA A 231 -11.45 3.49 -9.81
N ASN A 232 -10.84 2.82 -8.82
CA ASN A 232 -10.30 1.49 -9.11
C ASN A 232 -10.50 0.47 -7.97
N ASP A 233 -11.54 0.65 -7.17
CA ASP A 233 -11.73 -0.27 -6.06
C ASP A 233 -12.48 -1.52 -6.45
N TYR A 234 -12.91 -1.61 -7.69
CA TYR A 234 -13.63 -2.78 -8.14
C TYR A 234 -12.67 -3.80 -8.72
N ASP A 235 -11.44 -3.36 -9.03
CA ASP A 235 -10.44 -4.29 -9.50
C ASP A 235 -9.08 -4.03 -8.92
N GLN A 236 -8.54 -5.05 -8.24
CA GLN A 236 -7.21 -5.08 -7.61
C GLN A 236 -6.05 -4.88 -8.62
N LYS A 237 -6.30 -5.15 -9.91
CA LYS A 237 -5.29 -5.07 -10.97
C LYS A 237 -5.47 -3.90 -11.97
N ARG A 238 -6.45 -3.03 -11.72
CA ARG A 238 -6.69 -1.89 -12.60
C ARG A 238 -6.33 -0.56 -11.92
N LEU A 239 -5.78 0.35 -12.71
CA LEU A 239 -5.27 1.67 -12.34
C LEU A 239 -5.46 2.61 -13.54
N PHE A 240 -5.95 3.84 -13.27
CA PHE A 240 -6.29 4.81 -14.30
C PHE A 240 -5.55 6.13 -14.16
N LEU A 241 -4.53 6.30 -15.01
CA LEU A 241 -3.67 7.49 -15.10
C LEU A 241 -4.03 8.33 -16.34
N GLY A 242 -5.11 7.97 -17.05
CA GLY A 242 -5.56 8.69 -18.23
C GLY A 242 -6.24 10.02 -17.92
N PRO A 243 -6.51 10.87 -18.95
CA PRO A 243 -7.16 12.17 -18.68
C PRO A 243 -8.68 12.09 -18.51
N TYR A 244 -9.25 13.15 -17.90
CA TYR A 244 -10.69 13.35 -17.75
C TYR A 244 -11.26 13.34 -19.18
N LYS A 245 -12.19 12.41 -19.48
CA LYS A 245 -12.71 12.18 -20.83
C LYS A 245 -14.17 11.69 -20.79
N GLY A 246 -14.96 12.12 -21.78
CA GLY A 246 -16.37 11.73 -21.91
C GLY A 246 -17.37 12.68 -21.30
N ARG A 247 -16.92 13.86 -20.93
CA ARG A 247 -17.76 14.88 -20.28
C ARG A 247 -17.50 16.19 -20.95
N SER A 248 -18.48 16.69 -21.72
CA SER A 248 -18.36 17.97 -22.40
C SER A 248 -18.38 19.09 -21.40
N THR A 249 -17.70 20.19 -21.71
CA THR A 249 -17.69 21.40 -20.89
C THR A 249 -19.10 22.00 -20.91
N GLU A 250 -19.90 21.60 -21.92
CA GLU A 250 -21.31 21.99 -22.06
C GLU A 250 -22.16 21.54 -20.85
N LEU A 251 -21.63 20.57 -20.05
CA LEU A 251 -22.26 20.08 -18.82
C LEU A 251 -22.10 21.10 -17.68
N ILE A 252 -20.99 21.87 -17.64
CA ILE A 252 -20.71 22.83 -16.58
C ILE A 252 -21.92 23.74 -16.24
N PRO A 253 -22.52 24.50 -17.19
CA PRO A 253 -23.67 25.34 -16.80
C PRO A 253 -24.95 24.55 -16.47
N ARG A 254 -24.89 23.23 -16.60
CA ARG A 254 -26.03 22.35 -16.34
C ARG A 254 -25.81 21.49 -15.09
N LEU A 255 -24.81 21.86 -14.26
CA LEU A 255 -24.40 21.15 -13.04
C LEU A 255 -24.07 22.08 -11.90
N LYS A 256 -24.26 21.58 -10.67
CA LYS A 256 -23.89 22.32 -9.47
C LYS A 256 -22.41 22.04 -9.14
N GLY A 257 -21.86 21.02 -9.76
CA GLY A 257 -20.45 20.68 -9.55
C GLY A 257 -20.03 19.32 -10.06
N VAL A 258 -18.71 19.08 -9.98
CA VAL A 258 -18.07 17.80 -10.29
C VAL A 258 -17.08 17.47 -9.20
N LEU A 259 -17.28 16.31 -8.55
CA LEU A 259 -16.42 15.75 -7.49
C LEU A 259 -15.88 14.42 -7.99
N THR A 260 -14.56 14.37 -8.27
CA THR A 260 -13.98 13.14 -8.81
C THR A 260 -13.63 12.13 -7.68
N ASN A 261 -14.05 10.84 -7.85
CA ASN A 261 -13.77 9.72 -6.95
C ASN A 261 -12.65 8.97 -7.60
N PRO A 262 -11.37 9.27 -7.26
CA PRO A 262 -10.27 8.70 -8.05
C PRO A 262 -9.71 7.38 -7.55
N ASN A 263 -8.53 6.98 -8.03
CA ASN A 263 -7.85 5.72 -7.62
C ASN A 263 -7.56 5.75 -6.11
N CYS A 264 -7.53 4.55 -5.47
CA CYS A 264 -7.25 4.35 -4.04
C CYS A 264 -5.86 4.82 -3.67
N GLU A 265 -4.90 4.63 -4.57
CA GLU A 265 -3.50 5.00 -4.43
C GLU A 265 -3.43 6.50 -4.72
N PHE A 266 -3.05 7.29 -3.71
CA PHE A 266 -3.03 8.74 -3.73
C PHE A 266 -2.20 9.37 -4.84
N GLU A 267 -0.88 9.10 -4.89
CA GLU A 267 0.06 9.64 -5.90
C GLU A 267 -0.33 9.29 -7.37
N ALA A 268 -1.18 8.29 -7.55
CA ALA A 268 -1.67 7.91 -8.88
C ALA A 268 -2.82 8.85 -9.37
N ASN A 269 -3.18 9.87 -8.58
CA ASN A 269 -4.29 10.76 -8.95
C ASN A 269 -3.88 12.13 -9.46
N TYR A 270 -2.59 12.30 -9.77
CA TYR A 270 -2.07 13.54 -10.33
C TYR A 270 -2.80 13.94 -11.62
N VAL A 271 -2.79 13.06 -12.65
CA VAL A 271 -3.43 13.29 -13.95
C VAL A 271 -4.94 13.49 -13.77
N ALA A 272 -5.60 12.55 -13.08
CA ALA A 272 -7.02 12.56 -12.79
C ALA A 272 -7.52 13.94 -12.28
N ILE A 273 -6.80 14.53 -11.32
CA ILE A 273 -7.18 15.80 -10.69
C ILE A 273 -6.69 17.00 -11.50
N HIS A 274 -5.46 16.93 -12.05
CA HIS A 274 -4.89 17.99 -12.88
C HIS A 274 -5.77 18.20 -14.15
N THR A 275 -6.14 17.10 -14.88
CA THR A 275 -6.95 17.19 -16.12
C THR A 275 -8.37 17.69 -15.84
N LEU A 276 -8.96 17.32 -14.67
CA LEU A 276 -10.28 17.79 -14.24
C LEU A 276 -10.21 19.32 -14.02
N ALA A 277 -9.12 19.81 -13.42
CA ALA A 277 -8.92 21.24 -13.21
C ALA A 277 -8.83 21.96 -14.57
N THR A 278 -8.10 21.36 -15.55
CA THR A 278 -7.96 21.88 -16.91
C THR A 278 -9.35 21.96 -17.56
N TRP A 279 -10.13 20.88 -17.46
CA TRP A 279 -11.50 20.79 -17.98
C TRP A 279 -12.40 21.89 -17.39
N TYR A 280 -12.34 22.10 -16.07
CA TYR A 280 -13.12 23.09 -15.32
C TYR A 280 -12.81 24.52 -15.73
N LYS A 281 -11.53 24.80 -16.04
CA LYS A 281 -11.09 26.14 -16.38
C LYS A 281 -10.89 26.33 -17.90
N SER A 282 -11.38 25.38 -18.70
CA SER A 282 -11.21 25.32 -20.16
C SER A 282 -11.88 26.43 -21.00
N ASN A 283 -12.81 27.22 -20.40
CA ASN A 283 -13.55 28.26 -21.13
C ASN A 283 -14.21 27.69 -22.40
N MET A 284 -14.93 26.56 -22.19
CA MET A 284 -15.68 25.77 -23.17
C MET A 284 -14.82 25.18 -24.33
N ASN A 285 -13.51 24.97 -24.11
CA ASN A 285 -12.66 24.35 -25.14
C ASN A 285 -11.61 23.42 -24.52
N TYR A 286 -11.95 22.11 -24.41
CA TYR A 286 -11.12 21.11 -23.75
C TYR A 286 -10.73 19.95 -24.63
N SER A 287 -9.44 19.57 -24.56
CA SER A 287 -8.89 18.44 -25.27
C SER A 287 -8.25 17.42 -24.28
N PRO A 288 -8.78 16.18 -24.17
CA PRO A 288 -8.14 15.19 -23.29
C PRO A 288 -6.66 14.95 -23.57
N GLN A 289 -6.26 14.87 -24.86
CA GLN A 289 -4.87 14.67 -25.30
C GLN A 289 -3.95 15.84 -24.91
N MET A 290 -4.43 17.09 -25.09
CA MET A 290 -3.68 18.30 -24.76
C MET A 290 -3.54 18.41 -23.25
N ALA A 291 -4.65 18.12 -22.52
CA ALA A 291 -4.74 18.11 -21.06
C ALA A 291 -3.79 17.08 -20.46
N LEU A 292 -3.75 15.83 -21.02
CA LEU A 292 -2.88 14.72 -20.61
C LEU A 292 -1.40 15.12 -20.73
N LYS A 293 -1.05 15.78 -21.85
CA LYS A 293 0.29 16.29 -22.10
C LYS A 293 0.70 17.32 -21.03
N LEU A 294 -0.19 18.26 -20.70
CA LEU A 294 0.06 19.27 -19.67
C LEU A 294 0.33 18.63 -18.30
N ALA A 295 -0.59 17.73 -17.89
CA ALA A 295 -0.57 16.99 -16.65
C ALA A 295 0.74 16.21 -16.51
N LEU A 296 1.13 15.43 -17.55
CA LEU A 296 2.35 14.63 -17.60
C LEU A 296 3.60 15.49 -17.47
N THR A 297 3.64 16.64 -18.20
CA THR A 297 4.74 17.60 -18.15
C THR A 297 4.91 18.16 -16.73
N GLU A 298 3.80 18.54 -16.09
CA GLU A 298 3.78 19.08 -14.72
C GLU A 298 4.14 17.99 -13.68
N TRP A 299 3.68 16.76 -13.88
CA TRP A 299 3.94 15.60 -13.01
C TRP A 299 5.41 15.19 -13.00
N LEU A 300 6.13 15.41 -14.11
CA LEU A 300 7.56 15.13 -14.26
C LEU A 300 8.41 15.92 -13.27
N GLN A 301 7.99 17.17 -12.92
CA GLN A 301 8.67 18.02 -11.93
C GLN A 301 8.70 17.32 -10.56
N GLU A 302 7.62 16.58 -10.23
CA GLU A 302 7.46 15.86 -8.97
C GLU A 302 8.39 14.65 -8.85
N PHE A 303 9.10 14.29 -9.92
CA PHE A 303 10.03 13.15 -9.90
C PHE A 303 11.49 13.55 -9.57
N GLY A 304 11.80 14.84 -9.70
CA GLY A 304 13.12 15.38 -9.42
C GLY A 304 13.38 15.60 -7.94
N ASP A 325 30.11 22.44 -5.38
CA ASP A 325 30.24 21.28 -6.25
C ASP A 325 31.56 20.56 -5.91
N PRO A 326 31.65 19.20 -6.03
CA PRO A 326 32.92 18.53 -5.68
C PRO A 326 34.09 18.80 -6.64
N GLY A 327 35.30 18.53 -6.16
CA GLY A 327 36.53 18.68 -6.94
C GLY A 327 36.74 17.45 -7.82
N PRO A 328 37.78 17.46 -8.70
CA PRO A 328 38.02 16.29 -9.57
C PRO A 328 38.44 15.01 -8.84
N ASN A 329 39.07 15.16 -7.66
CA ASN A 329 39.55 14.06 -6.83
C ASN A 329 38.62 13.76 -5.66
N GLU A 330 37.52 14.55 -5.55
CA GLU A 330 36.49 14.42 -4.53
C GLU A 330 35.38 13.48 -5.02
N LYS A 331 34.50 13.01 -4.10
CA LYS A 331 33.41 12.07 -4.44
C LYS A 331 32.27 12.77 -5.21
N PRO A 332 31.83 12.23 -6.38
CA PRO A 332 30.73 12.86 -7.12
C PRO A 332 29.40 12.70 -6.41
N LEU A 333 28.59 13.76 -6.42
CA LEU A 333 27.27 13.83 -5.80
C LEU A 333 26.36 12.74 -6.35
N TYR A 334 25.48 12.17 -5.48
CA TYR A 334 24.52 11.14 -5.87
C TYR A 334 23.68 11.67 -7.03
N THR A 335 23.63 10.88 -8.11
CA THR A 335 22.91 11.18 -9.34
C THR A 335 22.23 9.91 -9.84
N ALA A 336 20.98 10.06 -10.32
CA ALA A 336 20.21 8.99 -10.91
C ALA A 336 19.80 9.38 -12.33
N GLU A 337 19.77 8.37 -13.25
CA GLU A 337 19.31 8.54 -14.64
C GLU A 337 17.84 8.98 -14.46
N PRO A 338 17.47 10.21 -14.90
CA PRO A 338 16.11 10.69 -14.63
C PRO A 338 15.01 10.08 -15.50
N VAL A 339 13.79 10.08 -14.94
CA VAL A 339 12.53 9.67 -15.55
C VAL A 339 12.23 10.71 -16.66
N THR A 340 11.81 10.22 -17.82
CA THR A 340 11.51 11.07 -18.96
C THR A 340 10.01 11.22 -19.14
N LEU A 341 9.62 12.22 -19.95
CA LEU A 341 8.23 12.47 -20.33
C LEU A 341 7.69 11.23 -21.08
N GLU A 342 8.53 10.63 -21.92
CA GLU A 342 8.22 9.43 -22.70
C GLU A 342 7.87 8.25 -21.77
N ASP A 343 8.60 8.13 -20.62
CA ASP A 343 8.36 7.10 -19.61
C ASP A 343 6.96 7.29 -19.02
N LEU A 344 6.59 8.58 -18.76
CA LEU A 344 5.29 8.97 -18.20
C LEU A 344 4.17 8.71 -19.20
N GLN A 345 4.43 9.05 -20.48
CA GLN A 345 3.48 8.83 -21.58
C GLN A 345 3.25 7.34 -21.70
N LEU A 346 4.34 6.54 -21.69
CA LEU A 346 4.22 5.08 -21.71
C LEU A 346 3.43 4.54 -20.50
N LEU A 347 3.75 5.01 -19.25
CA LEU A 347 3.10 4.60 -17.99
C LEU A 347 1.57 4.86 -17.98
N ALA A 348 1.18 6.08 -18.39
CA ALA A 348 -0.21 6.51 -18.49
C ALA A 348 -0.94 5.69 -19.55
N ASP A 349 -0.25 5.33 -20.66
CA ASP A 349 -0.85 4.56 -21.75
C ASP A 349 -1.12 3.13 -21.33
N LEU A 350 -0.31 2.59 -20.37
CA LEU A 350 -0.49 1.22 -19.89
C LEU A 350 -1.62 1.11 -18.85
N PHE A 351 -1.85 2.22 -18.12
CA PHE A 351 -2.84 2.31 -17.04
C PHE A 351 -3.61 3.54 -17.41
N TYR A 352 -4.54 3.37 -18.35
CA TYR A 352 -5.22 4.52 -18.94
C TYR A 352 -6.59 4.81 -18.39
N LEU A 353 -7.64 4.31 -19.06
CA LEU A 353 -9.03 4.59 -18.69
C LEU A 353 -9.85 3.31 -18.60
N PRO A 354 -10.99 3.33 -17.85
CA PRO A 354 -11.79 2.10 -17.74
C PRO A 354 -12.24 1.50 -19.07
N TYR A 355 -12.51 2.34 -20.09
CA TYR A 355 -13.01 1.82 -21.36
C TYR A 355 -12.00 1.88 -22.49
N GLU A 356 -10.77 2.29 -22.20
CA GLU A 356 -9.75 2.30 -23.23
C GLU A 356 -8.34 2.30 -22.68
N HIS A 357 -7.48 1.56 -23.39
CA HIS A 357 -6.04 1.56 -23.13
C HIS A 357 -5.51 2.77 -23.90
N GLY A 358 -4.34 3.23 -23.55
CA GLY A 358 -3.71 4.36 -24.22
C GLY A 358 -3.11 3.90 -25.53
N PRO A 359 -2.89 4.83 -26.50
CA PRO A 359 -2.31 4.40 -27.80
C PRO A 359 -1.17 3.39 -27.73
N LYS A 360 -0.15 3.66 -26.94
CA LYS A 360 1.01 2.78 -26.85
C LYS A 360 0.69 1.39 -26.30
N GLY A 361 -0.23 1.32 -25.34
CA GLY A 361 -0.67 0.06 -24.75
C GLY A 361 -1.57 -0.76 -25.66
N ALA A 362 -2.50 -0.06 -26.36
CA ALA A 362 -3.40 -0.62 -27.35
C ALA A 362 -2.56 -1.19 -28.50
N GLN A 363 -1.55 -0.45 -28.97
CA GLN A 363 -0.61 -0.88 -30.01
C GLN A 363 0.15 -2.15 -29.61
N MET A 364 0.76 -2.17 -28.41
CA MET A 364 1.49 -3.33 -27.93
C MET A 364 0.61 -4.57 -27.91
N LEU A 365 -0.64 -4.45 -27.39
CA LEU A 365 -1.59 -5.58 -27.36
C LEU A 365 -1.86 -6.10 -28.79
N ARG A 366 -2.14 -5.19 -29.73
CA ARG A 366 -2.40 -5.51 -31.14
C ARG A 366 -1.21 -6.25 -31.75
N GLU A 367 0.00 -5.71 -31.52
CA GLU A 367 1.23 -6.35 -32.00
C GLU A 367 1.34 -7.77 -31.48
N PHE A 368 1.12 -7.98 -30.17
CA PHE A 368 1.18 -9.31 -29.56
C PHE A 368 0.11 -10.25 -30.15
N GLN A 369 -1.12 -9.75 -30.33
CA GLN A 369 -2.24 -10.52 -30.92
C GLN A 369 -1.86 -11.00 -32.31
N TRP A 370 -1.31 -10.07 -33.14
CA TRP A 370 -0.90 -10.33 -34.50
C TRP A 370 0.20 -11.37 -34.57
N LEU A 371 1.28 -11.14 -33.82
CA LEU A 371 2.42 -12.04 -33.79
C LEU A 371 2.03 -13.45 -33.40
N ARG A 372 1.17 -13.58 -32.37
CA ARG A 372 0.66 -14.86 -31.89
C ARG A 372 -0.23 -15.56 -32.96
N ALA A 373 -1.18 -14.82 -33.55
CA ALA A 373 -2.07 -15.30 -34.61
C ALA A 373 -1.34 -15.71 -35.91
N ASN A 374 -0.22 -15.02 -36.25
CA ASN A 374 0.56 -15.25 -37.47
C ASN A 374 1.89 -15.99 -37.25
N SER A 375 2.13 -16.57 -36.05
CA SER A 375 3.37 -17.30 -35.70
C SER A 375 3.72 -18.49 -36.63
N SER A 376 2.72 -19.01 -37.35
CA SER A 376 2.85 -20.13 -38.30
C SER A 376 3.79 -19.82 -39.47
N VAL A 377 3.89 -18.53 -39.90
CA VAL A 377 4.75 -18.14 -41.02
C VAL A 377 6.23 -18.38 -40.74
N VAL A 378 6.62 -18.42 -39.45
CA VAL A 378 8.00 -18.63 -38.97
C VAL A 378 8.14 -19.91 -38.10
N SER A 379 7.14 -20.82 -38.19
CA SER A 379 7.05 -22.07 -37.42
C SER A 379 8.21 -23.02 -37.62
N SER A 387 7.04 -15.13 -47.88
CA SER A 387 8.40 -14.61 -47.83
C SER A 387 8.39 -13.15 -47.34
N GLU A 388 7.51 -12.32 -47.93
CA GLU A 388 7.30 -10.94 -47.52
C GLU A 388 6.52 -10.93 -46.19
N LYS A 389 5.73 -12.02 -45.96
CA LYS A 389 4.95 -12.26 -44.74
C LYS A 389 5.89 -12.62 -43.61
N ILE A 390 6.97 -13.38 -43.91
CA ILE A 390 8.00 -13.75 -42.94
C ILE A 390 8.73 -12.47 -42.53
N GLU A 391 9.04 -11.61 -43.53
CA GLU A 391 9.70 -10.32 -43.36
C GLU A 391 8.84 -9.45 -42.45
N GLU A 392 7.53 -9.39 -42.72
CA GLU A 392 6.58 -8.65 -41.89
C GLU A 392 6.60 -9.15 -40.43
N TRP A 393 6.55 -10.50 -40.21
CA TRP A 393 6.55 -11.10 -38.89
C TRP A 393 7.80 -10.76 -38.09
N ARG A 394 8.97 -10.95 -38.70
CA ARG A 394 10.26 -10.67 -38.07
C ARG A 394 10.43 -9.18 -37.74
N SER A 395 9.91 -8.30 -38.63
CA SER A 395 10.00 -6.86 -38.47
C SER A 395 9.13 -6.35 -37.31
N ARG A 396 7.93 -6.93 -37.21
CA ARG A 396 6.94 -6.60 -36.18
C ARG A 396 7.38 -7.20 -34.86
N ALA A 397 8.06 -8.37 -34.92
CA ALA A 397 8.57 -9.04 -33.72
C ALA A 397 9.69 -8.20 -33.11
N ALA A 398 10.58 -7.65 -33.96
CA ALA A 398 11.69 -6.82 -33.52
C ALA A 398 11.18 -5.53 -32.89
N LYS A 399 10.19 -4.89 -33.54
CA LYS A 399 9.57 -3.65 -33.02
C LYS A 399 8.89 -3.89 -31.65
N PHE A 400 8.25 -5.05 -31.50
CA PHE A 400 7.58 -5.45 -30.26
C PHE A 400 8.56 -5.65 -29.09
N GLU A 401 9.70 -6.29 -29.38
CA GLU A 401 10.74 -6.55 -28.40
C GLU A 401 11.33 -5.23 -27.91
N GLU A 402 11.46 -4.22 -28.82
CA GLU A 402 11.91 -2.90 -28.40
C GLU A 402 10.85 -2.28 -27.51
N MET A 403 9.56 -2.39 -27.88
CA MET A 403 8.45 -1.86 -27.08
C MET A 403 8.51 -2.48 -25.67
N CYS A 404 8.76 -3.79 -25.57
CA CYS A 404 8.89 -4.53 -24.30
C CYS A 404 10.05 -4.00 -23.46
N GLY A 405 11.18 -3.72 -24.11
CA GLY A 405 12.38 -3.18 -23.48
C GLY A 405 12.13 -1.80 -22.90
N LEU A 406 11.34 -0.95 -23.60
CA LEU A 406 10.96 0.38 -23.16
C LEU A 406 10.14 0.38 -21.86
N VAL A 407 9.36 -0.68 -21.65
CA VAL A 407 8.49 -0.90 -20.51
C VAL A 407 9.40 -1.20 -19.31
N MET A 408 10.44 -2.05 -19.49
CA MET A 408 11.40 -2.40 -18.44
C MET A 408 12.19 -1.17 -18.08
N GLY A 409 12.64 -0.46 -19.13
CA GLY A 409 13.38 0.79 -19.02
C GLY A 409 12.61 1.77 -18.18
N MET A 410 11.31 1.96 -18.48
CA MET A 410 10.42 2.84 -17.72
C MET A 410 10.41 2.39 -16.26
N PHE A 411 10.10 1.08 -16.00
CA PHE A 411 10.06 0.46 -14.66
C PHE A 411 11.34 0.77 -13.85
N THR A 412 12.52 0.52 -14.47
CA THR A 412 13.86 0.76 -13.91
C THR A 412 14.09 2.23 -13.58
N ARG A 413 13.83 3.16 -14.53
CA ARG A 413 14.00 4.60 -14.25
C ARG A 413 13.07 5.10 -13.14
N LEU A 414 11.87 4.52 -13.02
CA LEU A 414 10.94 4.92 -11.99
C LEU A 414 11.37 4.38 -10.63
N SER A 415 11.93 3.16 -10.58
CA SER A 415 12.37 2.61 -9.30
C SER A 415 13.69 3.23 -8.79
N ASN A 416 14.43 3.97 -9.66
CA ASN A 416 15.71 4.59 -9.28
C ASN A 416 15.69 6.11 -9.24
N CYS A 417 14.53 6.73 -9.41
CA CYS A 417 14.43 8.19 -9.39
C CYS A 417 14.50 8.76 -7.94
N ALA A 418 14.54 10.11 -7.83
CA ALA A 418 14.56 10.83 -6.55
C ALA A 418 13.29 10.58 -5.73
N ASN A 419 12.11 10.56 -6.38
CA ASN A 419 10.83 10.32 -5.70
C ASN A 419 10.33 8.89 -5.93
N ARG A 420 10.88 7.96 -5.12
CA ARG A 420 10.62 6.52 -5.14
C ARG A 420 9.17 6.18 -4.72
N THR A 421 8.62 6.95 -3.75
CA THR A 421 7.29 6.74 -3.15
C THR A 421 6.11 6.82 -4.12
N ILE A 422 6.20 7.67 -5.18
CA ILE A 422 5.18 7.76 -6.23
C ILE A 422 5.03 6.34 -6.74
N LEU A 423 6.16 5.69 -7.11
CA LEU A 423 6.17 4.29 -7.56
C LEU A 423 5.78 3.30 -6.44
N TYR A 424 5.96 3.67 -5.14
CA TYR A 424 5.59 2.79 -4.03
C TYR A 424 4.07 2.64 -3.97
N ASP A 425 3.34 3.70 -4.35
CA ASP A 425 1.88 3.66 -4.50
C ASP A 425 1.44 2.72 -5.64
N MET A 426 2.18 2.72 -6.77
CA MET A 426 1.87 2.00 -8.01
C MET A 426 2.64 0.67 -8.26
N TYR A 427 3.59 0.31 -7.34
CA TYR A 427 4.50 -0.83 -7.43
C TYR A 427 3.85 -2.12 -7.90
N SER A 428 2.78 -2.60 -7.24
CA SER A 428 2.06 -3.81 -7.61
C SER A 428 1.66 -3.86 -9.11
N TYR A 429 1.26 -2.70 -9.69
CA TYR A 429 0.84 -2.55 -11.10
C TYR A 429 2.04 -2.55 -12.06
N VAL A 430 3.04 -1.71 -11.78
CA VAL A 430 4.26 -1.58 -12.59
C VAL A 430 5.04 -2.92 -12.59
N TRP A 431 5.16 -3.55 -11.42
CA TRP A 431 5.81 -4.84 -11.29
C TRP A 431 5.06 -5.87 -12.12
N ASP A 432 3.71 -5.94 -11.98
CA ASP A 432 2.88 -6.88 -12.73
C ASP A 432 2.95 -6.73 -14.27
N ILE A 433 3.00 -5.48 -14.78
CA ILE A 433 3.07 -5.21 -16.21
C ILE A 433 4.45 -5.63 -16.74
N LYS A 434 5.52 -5.21 -16.04
CA LYS A 434 6.93 -5.50 -16.26
C LYS A 434 7.11 -7.04 -16.37
N SER A 435 6.59 -7.79 -15.38
CA SER A 435 6.64 -9.24 -15.28
C SER A 435 5.92 -9.98 -16.42
N ILE A 436 4.61 -9.69 -16.67
CA ILE A 436 3.86 -10.29 -17.79
C ILE A 436 4.61 -9.96 -19.09
N MET A 437 4.98 -8.67 -19.27
CA MET A 437 5.72 -8.18 -20.44
C MET A 437 7.01 -8.91 -20.76
N SER A 438 7.76 -9.29 -19.72
CA SER A 438 9.02 -9.99 -19.89
C SER A 438 8.75 -11.40 -20.38
N MET A 439 7.68 -12.02 -19.87
CA MET A 439 7.26 -13.37 -20.25
C MET A 439 6.70 -13.38 -21.66
N VAL A 440 6.08 -12.27 -22.06
CA VAL A 440 5.49 -12.09 -23.39
C VAL A 440 6.65 -11.92 -24.39
N LYS A 441 7.63 -11.06 -24.08
CA LYS A 441 8.85 -10.88 -24.89
C LYS A 441 9.56 -12.27 -25.10
N SER A 442 9.66 -13.08 -24.03
CA SER A 442 10.26 -14.41 -24.08
C SER A 442 9.51 -15.28 -25.05
N PHE A 443 8.17 -15.32 -24.94
CA PHE A 443 7.30 -16.09 -25.80
C PHE A 443 7.45 -15.70 -27.26
N VAL A 444 7.49 -14.38 -27.54
CA VAL A 444 7.66 -13.85 -28.89
C VAL A 444 9.03 -14.27 -29.46
N GLN A 445 10.08 -14.26 -28.60
CA GLN A 445 11.43 -14.67 -28.99
C GLN A 445 11.47 -16.17 -29.30
N TRP A 446 10.77 -16.97 -28.47
CA TRP A 446 10.66 -18.41 -28.63
C TRP A 446 9.97 -18.74 -29.96
N LEU A 447 8.86 -18.02 -30.27
CA LEU A 447 8.12 -18.20 -31.52
C LEU A 447 8.98 -17.92 -32.76
N GLY A 448 9.87 -16.90 -32.68
CA GLY A 448 10.78 -16.57 -33.78
C GLY A 448 11.94 -17.54 -33.93
N GLU A 449 12.10 -18.45 -32.96
CA GLU A 449 13.20 -19.42 -32.95
C GLU A 449 12.75 -20.83 -33.38
N ARG A 450 11.43 -21.07 -33.47
CA ARG A 450 10.80 -22.35 -33.83
C ARG A 450 11.33 -23.04 -35.11
N SER A 451 11.95 -22.27 -36.02
CA SER A 451 12.53 -22.79 -37.27
C SER A 451 13.89 -23.48 -37.03
N HIS A 452 14.69 -22.94 -36.07
CA HIS A 452 16.01 -23.48 -35.69
C HIS A 452 15.89 -24.45 -34.50
N SER A 453 15.84 -23.91 -33.27
CA SER A 453 15.73 -24.63 -31.99
C SER A 453 14.46 -25.49 -31.91
N SER A 454 14.55 -26.63 -31.18
CA SER A 454 13.44 -27.58 -30.95
C SER A 454 12.86 -27.42 -29.54
N ALA A 455 13.55 -26.60 -28.69
CA ALA A 455 13.22 -26.26 -27.30
C ALA A 455 11.75 -25.95 -27.07
N GLN A 456 11.17 -26.47 -25.97
CA GLN A 456 9.76 -26.20 -25.63
C GLN A 456 9.67 -24.95 -24.75
N PHE A 457 8.53 -24.20 -24.86
CA PHE A 457 8.33 -23.01 -24.06
C PHE A 457 7.53 -23.37 -22.82
N LEU A 458 8.13 -23.14 -21.63
CA LEU A 458 7.44 -23.44 -20.37
C LEU A 458 7.34 -22.20 -19.50
N ILE A 459 6.11 -21.93 -19.03
CA ILE A 459 5.77 -20.81 -18.12
C ILE A 459 6.52 -21.03 -16.80
N GLY A 460 6.63 -22.30 -16.40
CA GLY A 460 7.35 -22.73 -15.21
C GLY A 460 8.82 -22.37 -15.26
N ASP A 461 9.41 -22.31 -16.49
CA ASP A 461 10.81 -21.93 -16.74
C ASP A 461 11.01 -20.41 -16.69
N GLN A 462 9.91 -19.64 -16.72
CA GLN A 462 9.96 -18.18 -16.70
C GLN A 462 10.16 -17.67 -15.29
N GLU A 463 11.04 -16.66 -15.13
CA GLU A 463 11.41 -16.04 -13.86
C GLU A 463 10.19 -15.53 -13.02
N PRO A 464 9.18 -14.78 -13.57
CA PRO A 464 8.05 -14.34 -12.73
C PRO A 464 7.23 -15.46 -12.07
N TRP A 465 7.21 -16.64 -12.71
CA TRP A 465 6.51 -17.83 -12.22
C TRP A 465 7.40 -18.64 -11.26
N ALA A 466 8.64 -18.95 -11.70
CA ALA A 466 9.65 -19.74 -11.00
C ALA A 466 10.23 -19.08 -9.76
N PHE A 467 10.58 -17.79 -9.83
CA PHE A 467 11.19 -17.06 -8.71
C PHE A 467 10.16 -16.30 -7.84
N ARG A 468 8.87 -16.66 -7.95
CA ARG A 468 7.76 -16.09 -7.18
C ARG A 468 7.91 -16.49 -5.69
N GLY A 469 8.05 -15.47 -4.82
CA GLY A 469 8.24 -15.62 -3.38
C GLY A 469 7.00 -15.90 -2.55
N GLY A 470 7.25 -16.28 -1.29
CA GLY A 470 6.22 -16.61 -0.31
C GLY A 470 5.66 -18.01 -0.45
N LEU A 471 4.82 -18.40 0.51
CA LEU A 471 4.11 -19.68 0.54
C LEU A 471 3.22 -19.82 -0.72
N ALA A 472 2.53 -18.71 -1.11
CA ALA A 472 1.68 -18.63 -2.31
C ALA A 472 2.46 -19.04 -3.58
N GLY A 473 3.71 -18.63 -3.68
CA GLY A 473 4.61 -18.97 -4.78
C GLY A 473 4.91 -20.46 -4.88
N GLU A 474 5.08 -21.12 -3.70
CA GLU A 474 5.36 -22.56 -3.58
C GLU A 474 4.17 -23.36 -4.12
N PHE A 475 2.96 -22.95 -3.72
CA PHE A 475 1.71 -23.56 -4.18
C PHE A 475 1.52 -23.37 -5.69
N GLN A 476 1.74 -22.13 -6.19
CA GLN A 476 1.63 -21.73 -7.59
C GLN A 476 2.53 -22.60 -8.49
N ARG A 477 3.77 -22.88 -8.06
CA ARG A 477 4.72 -23.71 -8.82
C ARG A 477 4.22 -25.13 -9.04
N LEU A 478 3.39 -25.62 -8.11
CA LEU A 478 2.81 -26.96 -8.11
C LEU A 478 1.49 -27.04 -8.88
N LEU A 479 0.98 -25.88 -9.35
CA LEU A 479 -0.21 -25.83 -10.20
C LEU A 479 0.15 -26.36 -11.61
N PRO A 480 -0.80 -27.03 -12.32
CA PRO A 480 -0.47 -27.60 -13.64
C PRO A 480 -0.37 -26.60 -14.80
N ILE A 481 0.60 -25.66 -14.72
CA ILE A 481 0.94 -24.71 -15.79
C ILE A 481 1.58 -25.62 -16.87
N ASP A 482 1.21 -25.47 -18.15
CA ASP A 482 1.71 -26.35 -19.25
C ASP A 482 1.15 -27.80 -19.12
N GLY A 483 -0.11 -27.91 -18.67
CA GLY A 483 -0.80 -29.18 -18.49
C GLY A 483 -0.64 -29.78 -17.11
N ARG B 6 21.80 -0.66 34.44
CA ARG B 6 22.25 -1.12 33.13
C ARG B 6 21.27 -0.74 31.99
N ARG B 7 21.68 0.27 31.15
CA ARG B 7 20.85 0.74 30.02
C ARG B 7 20.85 -0.28 28.92
N PHE B 8 19.65 -0.54 28.37
CA PHE B 8 19.48 -1.50 27.28
C PHE B 8 18.46 -0.95 26.27
N LEU B 9 18.90 -0.74 25.04
CA LEU B 9 18.05 -0.20 23.97
C LEU B 9 17.22 -1.30 23.34
N CYS B 10 15.91 -1.34 23.66
CA CYS B 10 15.02 -2.30 23.03
C CYS B 10 13.87 -1.60 22.34
N GLY B 11 13.68 -1.95 21.08
CA GLY B 11 12.61 -1.35 20.29
C GLY B 11 12.67 -1.63 18.81
N VAL B 12 12.32 -0.59 18.04
CA VAL B 12 12.17 -0.65 16.58
C VAL B 12 13.08 0.30 15.86
N VAL B 13 13.60 -0.18 14.76
CA VAL B 13 14.32 0.62 13.76
C VAL B 13 13.42 0.67 12.49
N GLU B 14 13.00 1.90 12.10
CA GLU B 14 12.32 2.04 10.81
C GLU B 14 13.51 2.27 9.82
N GLY B 15 14.07 1.17 9.26
CA GLY B 15 15.29 1.23 8.46
C GLY B 15 15.27 0.52 7.13
N PHE B 16 14.07 0.34 6.58
CA PHE B 16 13.81 -0.35 5.30
C PHE B 16 13.66 0.62 4.09
N TYR B 17 13.80 0.05 2.90
CA TYR B 17 13.46 0.69 1.64
C TYR B 17 11.93 0.47 1.56
N GLY B 18 11.21 1.43 1.03
CA GLY B 18 9.77 1.33 0.89
C GLY B 18 9.10 2.56 1.42
N ARG B 19 7.77 2.63 1.28
CA ARG B 19 6.98 3.76 1.78
C ARG B 19 7.24 3.93 3.29
N PRO B 20 7.82 5.07 3.73
CA PRO B 20 8.02 5.27 5.18
C PRO B 20 6.67 5.32 5.90
N TRP B 21 6.64 4.94 7.19
CA TRP B 21 5.44 5.01 8.01
C TRP B 21 5.02 6.46 8.19
N VAL B 22 3.74 6.69 8.49
CA VAL B 22 3.20 8.05 8.62
C VAL B 22 3.05 8.43 10.08
N MET B 23 2.75 9.71 10.34
CA MET B 23 2.60 10.24 11.70
C MET B 23 1.71 9.39 12.59
N GLU B 24 0.50 9.09 12.09
CA GLU B 24 -0.53 8.30 12.76
C GLU B 24 0.02 6.96 13.20
N GLN B 25 0.73 6.25 12.29
CA GLN B 25 1.32 4.95 12.54
C GLN B 25 2.44 5.02 13.60
N ARG B 26 3.40 5.97 13.46
CA ARG B 26 4.52 6.15 14.39
C ARG B 26 4.06 6.48 15.79
N LYS B 27 3.03 7.34 15.92
CA LYS B 27 2.44 7.68 17.22
C LYS B 27 1.88 6.40 17.85
N GLU B 28 1.25 5.53 17.02
CA GLU B 28 0.67 4.26 17.45
C GLU B 28 1.77 3.30 17.91
N LEU B 29 2.88 3.28 17.15
CA LEU B 29 4.05 2.50 17.46
C LEU B 29 4.57 2.92 18.88
N PHE B 30 4.66 4.24 19.14
CA PHE B 30 5.14 4.72 20.46
C PHE B 30 4.22 4.30 21.59
N ARG B 31 2.89 4.33 21.38
CA ARG B 31 1.92 3.85 22.37
C ARG B 31 2.18 2.38 22.68
N ARG B 32 2.34 1.55 21.64
CA ARG B 32 2.58 0.11 21.76
C ARG B 32 3.88 -0.26 22.45
N LEU B 33 4.99 0.46 22.10
CA LEU B 33 6.31 0.23 22.69
C LEU B 33 6.28 0.45 24.19
N GLN B 34 5.66 1.55 24.65
CA GLN B 34 5.51 1.90 26.05
C GLN B 34 4.71 0.84 26.80
N LYS B 35 3.49 0.52 26.33
CA LYS B 35 2.65 -0.49 26.98
C LYS B 35 3.35 -1.87 27.07
N TRP B 36 4.24 -2.20 26.10
CA TRP B 36 5.00 -3.45 26.09
C TRP B 36 6.39 -3.31 26.74
N GLU B 37 6.62 -2.18 27.43
CA GLU B 37 7.83 -1.83 28.19
C GLU B 37 9.14 -1.82 27.34
N LEU B 38 9.03 -1.44 26.04
CA LEU B 38 10.16 -1.26 25.14
C LEU B 38 10.48 0.22 25.20
N ASN B 39 11.67 0.64 24.77
CA ASN B 39 12.09 2.03 25.04
C ASN B 39 12.73 2.82 23.92
N THR B 40 13.00 2.19 22.77
CA THR B 40 13.74 2.88 21.73
C THR B 40 13.09 2.84 20.38
N TYR B 41 13.33 3.93 19.62
CA TYR B 41 12.93 4.06 18.24
C TYR B 41 14.06 4.70 17.43
N LEU B 42 14.61 3.96 16.48
CA LEU B 42 15.63 4.48 15.58
C LEU B 42 14.97 4.92 14.24
N TYR B 43 15.01 6.24 13.97
CA TYR B 43 14.48 6.84 12.75
C TYR B 43 15.51 6.69 11.64
N ALA B 44 15.29 5.78 10.69
CA ALA B 44 16.25 5.58 9.59
C ALA B 44 15.53 5.18 8.26
N PRO B 45 14.40 5.77 7.83
CA PRO B 45 13.80 5.29 6.57
C PRO B 45 14.74 5.58 5.38
N LYS B 46 15.15 4.53 4.67
CA LYS B 46 16.03 4.65 3.48
C LYS B 46 15.43 5.62 2.44
N ASP B 47 14.08 5.65 2.31
CA ASP B 47 13.40 6.49 1.34
C ASP B 47 12.92 7.84 1.88
N ASP B 48 13.42 8.31 3.04
CA ASP B 48 13.22 9.71 3.39
C ASP B 48 14.45 10.27 2.61
N TYR B 49 14.20 10.92 1.47
CA TYR B 49 15.23 11.48 0.57
C TYR B 49 16.23 12.41 1.27
N LYS B 50 15.88 12.95 2.45
CA LYS B 50 16.80 13.80 3.20
C LYS B 50 17.54 13.04 4.30
N HIS B 51 17.28 11.73 4.45
CA HIS B 51 17.98 10.91 5.44
C HIS B 51 19.24 10.33 4.79
N ARG B 52 19.16 9.98 3.49
CA ARG B 52 20.22 9.32 2.79
C ARG B 52 20.60 9.99 1.47
N MET B 53 19.82 9.73 0.39
CA MET B 53 20.04 10.25 -0.97
C MET B 53 20.48 11.72 -1.02
N PHE B 54 19.78 12.59 -0.29
CA PHE B 54 20.05 14.03 -0.20
C PHE B 54 20.22 14.44 1.22
N TRP B 55 21.08 13.71 1.93
CA TRP B 55 21.44 13.94 3.33
C TRP B 55 21.86 15.38 3.62
N ARG B 56 22.39 16.10 2.60
CA ARG B 56 22.86 17.49 2.72
C ARG B 56 21.75 18.53 2.87
N GLU B 57 20.61 18.30 2.21
CA GLU B 57 19.45 19.20 2.18
C GLU B 57 18.77 19.37 3.52
N MET B 58 18.45 20.62 3.92
CA MET B 58 17.73 20.90 5.16
C MET B 58 16.30 20.48 4.99
N TYR B 59 15.64 20.16 6.11
CA TYR B 59 14.23 19.85 6.08
C TYR B 59 13.44 21.15 5.89
N SER B 60 12.40 21.09 5.04
CA SER B 60 11.48 22.21 4.76
C SER B 60 10.71 22.54 6.01
N VAL B 61 9.94 23.64 6.00
CA VAL B 61 9.14 24.10 7.14
C VAL B 61 8.07 23.06 7.51
N GLU B 62 7.47 22.45 6.49
CA GLU B 62 6.45 21.40 6.65
C GLU B 62 7.09 20.17 7.29
N GLU B 63 8.24 19.74 6.73
CA GLU B 63 9.03 18.61 7.25
C GLU B 63 9.47 18.86 8.72
N ALA B 64 9.87 20.10 9.03
CA ALA B 64 10.28 20.54 10.36
C ALA B 64 9.15 20.38 11.40
N GLU B 65 7.93 20.87 11.07
CA GLU B 65 6.75 20.77 11.95
C GLU B 65 6.42 19.30 12.25
N GLN B 66 6.51 18.42 11.22
CA GLN B 66 6.28 16.99 11.36
C GLN B 66 7.32 16.34 12.26
N LEU B 67 8.62 16.62 12.04
CA LEU B 67 9.66 16.07 12.89
C LEU B 67 9.51 16.52 14.34
N MET B 68 9.16 17.81 14.59
CA MET B 68 8.93 18.33 15.95
C MET B 68 7.79 17.56 16.63
N THR B 69 6.67 17.38 15.90
CA THR B 69 5.49 16.64 16.36
C THR B 69 5.86 15.21 16.71
N LEU B 70 6.61 14.56 15.79
CA LEU B 70 7.07 13.20 15.90
C LEU B 70 7.94 12.99 17.14
N ILE B 71 8.94 13.89 17.32
CA ILE B 71 9.88 13.89 18.46
C ILE B 71 9.12 14.15 19.79
N SER B 72 8.10 15.06 19.79
CA SER B 72 7.28 15.32 20.98
C SER B 72 6.47 14.09 21.36
N ALA B 73 5.97 13.36 20.36
CA ALA B 73 5.19 12.12 20.58
C ALA B 73 6.07 11.05 21.25
N ALA B 74 7.33 10.88 20.78
CA ALA B 74 8.28 9.95 21.39
C ALA B 74 8.51 10.29 22.86
N ARG B 75 8.75 11.60 23.17
CA ARG B 75 8.94 12.10 24.53
C ARG B 75 7.73 11.82 25.42
N GLU B 76 6.51 12.08 24.90
CA GLU B 76 5.23 11.85 25.54
C GLU B 76 5.07 10.39 25.98
N TYR B 77 5.57 9.41 25.18
CA TYR B 77 5.42 8.00 25.52
C TYR B 77 6.69 7.40 26.04
N GLU B 78 7.62 8.26 26.47
CA GLU B 78 8.91 7.88 27.06
C GLU B 78 9.69 6.90 26.18
N ILE B 79 9.74 7.21 24.87
CA ILE B 79 10.51 6.41 23.92
C ILE B 79 11.71 7.26 23.51
N GLU B 80 12.92 6.66 23.51
CA GLU B 80 14.10 7.38 23.06
C GLU B 80 14.04 7.42 21.55
N PHE B 81 14.02 8.65 21.00
CA PHE B 81 14.00 8.90 19.56
C PHE B 81 15.45 9.09 19.12
N ILE B 82 15.87 8.30 18.15
CA ILE B 82 17.23 8.40 17.63
C ILE B 82 17.13 8.79 16.17
N TYR B 83 17.73 9.93 15.81
CA TYR B 83 17.74 10.36 14.42
C TYR B 83 19.00 9.83 13.74
N ALA B 84 18.81 9.03 12.68
CA ALA B 84 19.92 8.52 11.91
C ALA B 84 20.09 9.34 10.62
N ILE B 85 21.35 9.45 10.15
CA ILE B 85 21.75 10.10 8.90
C ILE B 85 22.74 9.17 8.14
N SER B 86 22.57 9.05 6.83
CA SER B 86 23.40 8.19 6.00
C SER B 86 24.09 9.01 4.91
N PRO B 87 25.32 9.55 5.19
CA PRO B 87 25.98 10.41 4.19
C PRO B 87 26.96 9.70 3.25
N GLY B 88 27.17 8.41 3.47
CA GLY B 88 28.14 7.57 2.81
C GLY B 88 28.13 7.38 1.30
N LEU B 89 27.01 7.67 0.63
CA LEU B 89 26.93 7.47 -0.83
C LEU B 89 27.79 8.49 -1.61
N ASP B 90 27.88 9.75 -1.13
CA ASP B 90 28.59 10.76 -1.88
C ASP B 90 29.40 11.76 -1.05
N ILE B 91 29.59 11.51 0.27
CA ILE B 91 30.39 12.38 1.12
C ILE B 91 31.90 12.29 0.79
N THR B 92 32.58 13.43 0.88
CA THR B 92 34.03 13.51 0.78
C THR B 92 34.38 13.80 2.23
N PHE B 93 34.80 12.75 2.97
CA PHE B 93 35.16 12.83 4.40
C PHE B 93 36.22 13.90 4.68
N SER B 94 37.22 14.02 3.79
CA SER B 94 38.34 14.97 3.88
C SER B 94 37.96 16.42 3.66
N ASN B 95 36.73 16.72 3.24
CA ASN B 95 36.33 18.10 2.99
C ASN B 95 35.67 18.77 4.19
N PRO B 96 36.29 19.84 4.72
CA PRO B 96 35.72 20.55 5.89
C PRO B 96 34.28 21.07 5.66
N LYS B 97 33.94 21.43 4.41
CA LYS B 97 32.63 21.94 4.03
C LYS B 97 31.55 20.79 4.16
N GLU B 98 31.92 19.54 3.79
CA GLU B 98 31.05 18.35 3.95
C GLU B 98 30.78 18.07 5.43
N VAL B 99 31.81 18.19 6.30
CA VAL B 99 31.72 18.00 7.75
C VAL B 99 30.77 19.03 8.40
N SER B 100 30.87 20.32 8.01
CA SER B 100 29.97 21.35 8.59
C SER B 100 28.53 21.24 8.06
N THR B 101 28.35 20.64 6.87
CA THR B 101 27.03 20.41 6.27
C THR B 101 26.31 19.32 7.10
N LEU B 102 27.05 18.24 7.44
CA LEU B 102 26.59 17.16 8.30
C LEU B 102 26.25 17.73 9.68
N LYS B 103 27.06 18.68 10.18
CA LYS B 103 26.82 19.31 11.48
C LYS B 103 25.59 20.19 11.42
N ARG B 104 25.41 20.92 10.29
CA ARG B 104 24.29 21.83 10.03
C ARG B 104 22.98 21.02 10.04
N LYS B 105 22.98 19.89 9.33
CA LYS B 105 21.87 18.96 9.24
C LYS B 105 21.44 18.38 10.60
N LEU B 106 22.39 17.97 11.43
CA LEU B 106 22.06 17.41 12.73
C LEU B 106 21.73 18.47 13.75
N ASP B 107 22.24 19.72 13.54
CA ASP B 107 21.84 20.82 14.41
C ASP B 107 20.37 21.18 14.15
N GLN B 108 19.90 21.01 12.88
CA GLN B 108 18.53 21.30 12.50
C GLN B 108 17.59 20.36 13.25
N VAL B 109 17.84 19.04 13.12
CA VAL B 109 17.08 17.99 13.77
C VAL B 109 17.19 18.13 15.32
N SER B 110 18.36 18.58 15.81
CA SER B 110 18.51 18.78 17.25
C SER B 110 17.60 19.93 17.72
N GLN B 111 17.45 20.96 16.87
CA GLN B 111 16.56 22.11 17.15
C GLN B 111 15.08 21.68 17.17
N PHE B 112 14.76 20.48 16.61
CA PHE B 112 13.41 19.91 16.63
C PHE B 112 13.16 19.15 17.93
N GLY B 113 14.17 19.10 18.80
CA GLY B 113 14.12 18.46 20.12
C GLY B 113 14.78 17.11 20.23
N CYS B 114 15.51 16.69 19.17
CA CYS B 114 16.17 15.38 19.15
C CYS B 114 17.43 15.43 19.97
N ARG B 115 17.64 14.43 20.84
CA ARG B 115 18.82 14.39 21.68
C ARG B 115 19.73 13.21 21.36
N SER B 116 19.21 12.18 20.67
CA SER B 116 20.02 10.99 20.33
C SER B 116 20.21 10.90 18.85
N PHE B 117 21.39 10.41 18.44
CA PHE B 117 21.74 10.39 17.02
C PHE B 117 22.46 9.12 16.58
N ALA B 118 22.52 8.92 15.25
CA ALA B 118 23.18 7.77 14.67
C ALA B 118 23.80 8.14 13.33
N LEU B 119 24.96 7.57 13.04
CA LEU B 119 25.62 7.76 11.75
C LEU B 119 25.67 6.36 11.12
N LEU B 120 24.98 6.17 9.97
CA LEU B 120 24.94 4.87 9.32
C LEU B 120 25.78 4.84 8.08
N PHE B 121 26.53 3.73 7.89
CA PHE B 121 27.44 3.54 6.75
C PHE B 121 27.17 2.21 6.06
N ASP B 122 25.92 1.76 6.20
CA ASP B 122 25.43 0.53 5.61
C ASP B 122 25.07 0.68 4.14
N ASP B 123 25.42 -0.34 3.36
CA ASP B 123 25.11 -0.53 1.94
C ASP B 123 25.73 0.56 1.05
N ILE B 124 27.03 0.76 1.22
CA ILE B 124 27.79 1.74 0.44
C ILE B 124 29.05 1.13 -0.13
N ASP B 125 29.52 1.70 -1.27
CA ASP B 125 30.76 1.34 -1.95
C ASP B 125 31.94 1.60 -1.01
N HIS B 126 32.81 0.57 -0.88
CA HIS B 126 34.02 0.56 -0.04
C HIS B 126 35.14 1.48 -0.56
N ASN B 127 35.11 1.82 -1.88
CA ASN B 127 36.11 2.62 -2.58
C ASN B 127 35.99 4.10 -2.38
N MET B 128 37.02 4.70 -1.76
CA MET B 128 37.14 6.13 -1.44
C MET B 128 37.62 6.96 -2.63
N CYS B 129 37.35 8.28 -2.59
CA CYS B 129 37.83 9.19 -3.63
C CYS B 129 39.32 9.50 -3.34
N ALA B 130 40.05 9.97 -4.38
CA ALA B 130 41.48 10.28 -4.30
C ALA B 130 41.82 11.25 -3.19
N ALA B 131 40.97 12.27 -2.99
CA ALA B 131 41.12 13.29 -1.96
C ALA B 131 41.11 12.70 -0.55
N ASP B 132 40.26 11.67 -0.32
CA ASP B 132 40.11 10.99 0.98
C ASP B 132 41.26 10.06 1.24
N LYS B 133 41.74 9.38 0.16
CA LYS B 133 42.87 8.44 0.19
C LYS B 133 44.14 9.18 0.66
N GLU B 134 44.31 10.45 0.24
CA GLU B 134 45.44 11.31 0.62
C GLU B 134 45.42 11.72 2.10
N VAL B 135 44.25 11.60 2.78
CA VAL B 135 44.06 12.02 4.17
C VAL B 135 43.88 10.84 5.16
N PHE B 136 43.22 9.74 4.73
CA PHE B 136 42.95 8.59 5.63
C PHE B 136 43.57 7.29 5.14
N SER B 137 44.20 6.53 6.06
CA SER B 137 44.85 5.22 5.80
C SER B 137 43.88 4.20 5.21
N SER B 138 42.60 4.32 5.55
CA SER B 138 41.52 3.43 5.09
C SER B 138 40.15 4.12 5.21
N PHE B 139 39.14 3.44 4.66
CA PHE B 139 37.72 3.78 4.64
C PHE B 139 37.20 3.88 6.07
N ALA B 140 37.60 2.90 6.93
CA ALA B 140 37.26 2.85 8.35
C ALA B 140 37.81 4.08 9.07
N HIS B 141 39.05 4.52 8.73
CA HIS B 141 39.67 5.71 9.32
C HIS B 141 38.82 6.93 9.04
N ALA B 142 38.38 7.10 7.78
CA ALA B 142 37.53 8.21 7.31
C ALA B 142 36.20 8.32 8.10
N GLN B 143 35.50 7.18 8.22
CA GLN B 143 34.22 7.04 8.91
C GLN B 143 34.35 7.35 10.39
N VAL B 144 35.31 6.70 11.10
CA VAL B 144 35.56 6.88 12.52
C VAL B 144 35.91 8.34 12.81
N SER B 145 36.74 8.93 11.94
CA SER B 145 37.16 10.31 12.05
C SER B 145 35.97 11.23 12.09
N ILE B 146 35.06 11.15 11.10
CA ILE B 146 33.89 12.02 11.03
C ILE B 146 32.87 11.67 12.12
N THR B 147 32.69 10.36 12.43
CA THR B 147 31.78 9.91 13.50
C THR B 147 32.22 10.46 14.85
N ASN B 148 33.54 10.46 15.14
CA ASN B 148 34.05 10.99 16.42
C ASN B 148 33.88 12.48 16.49
N GLU B 149 34.09 13.16 15.35
CA GLU B 149 33.93 14.61 15.24
C GLU B 149 32.47 15.05 15.49
N ILE B 150 31.48 14.33 14.89
CA ILE B 150 30.04 14.59 15.07
C ILE B 150 29.63 14.33 16.51
N TYR B 151 29.98 13.15 17.02
CA TYR B 151 29.67 12.76 18.39
C TYR B 151 30.13 13.86 19.37
N GLN B 152 31.40 14.31 19.26
CA GLN B 152 31.96 15.34 20.17
C GLN B 152 31.31 16.70 19.90
N TYR B 153 31.10 17.06 18.61
CA TYR B 153 30.44 18.31 18.24
C TYR B 153 29.03 18.40 18.83
N LEU B 154 28.31 17.27 18.92
CA LEU B 154 26.97 17.26 19.49
C LEU B 154 26.99 17.13 21.01
N GLY B 155 28.14 17.39 21.61
CA GLY B 155 28.35 17.39 23.06
C GLY B 155 28.32 16.01 23.67
N GLU B 156 28.79 15.00 22.92
CA GLU B 156 28.84 13.58 23.32
C GLU B 156 27.49 13.08 23.89
N PRO B 157 26.43 12.95 23.05
CA PRO B 157 25.13 12.46 23.58
C PRO B 157 25.19 11.09 24.26
N GLU B 158 24.36 10.91 25.29
CA GLU B 158 24.23 9.65 26.02
C GLU B 158 23.94 8.48 25.02
N THR B 159 23.08 8.69 24.02
CA THR B 159 22.75 7.68 23.01
C THR B 159 23.23 8.16 21.65
N PHE B 160 24.29 7.53 21.13
CA PHE B 160 24.88 7.82 19.83
C PHE B 160 25.32 6.51 19.25
N LEU B 161 24.81 6.18 18.03
CA LEU B 161 25.10 4.92 17.34
C LEU B 161 25.87 5.09 16.06
N PHE B 162 26.59 4.04 15.69
CA PHE B 162 27.37 3.95 14.47
C PHE B 162 27.01 2.65 13.76
N CYS B 163 26.66 2.73 12.49
CA CYS B 163 26.42 1.50 11.77
C CYS B 163 27.56 1.29 10.80
N PRO B 164 28.28 0.18 10.98
CA PRO B 164 29.43 -0.08 10.11
C PRO B 164 29.02 -0.55 8.73
N THR B 165 29.94 -0.40 7.76
CA THR B 165 29.77 -0.87 6.40
C THR B 165 29.77 -2.40 6.43
N GLU B 166 30.57 -2.97 7.34
CA GLU B 166 30.67 -4.41 7.58
C GLU B 166 29.86 -4.67 8.85
N TYR B 167 28.53 -4.76 8.70
CA TYR B 167 27.56 -4.84 9.79
C TYR B 167 27.04 -6.22 10.11
N CYS B 168 27.52 -7.23 9.40
CA CYS B 168 27.19 -8.63 9.65
C CYS B 168 28.41 -9.46 9.25
N GLY B 169 28.44 -10.72 9.75
CA GLY B 169 29.44 -11.73 9.47
C GLY B 169 29.82 -11.84 8.01
N THR B 170 28.84 -12.03 7.14
CA THR B 170 29.06 -12.20 5.70
C THR B 170 29.62 -10.97 4.99
N PHE B 171 29.49 -9.77 5.60
CA PHE B 171 29.98 -8.52 5.02
C PHE B 171 31.41 -8.18 5.48
N CYS B 172 31.96 -8.96 6.44
CA CYS B 172 33.30 -8.75 6.97
C CYS B 172 34.37 -9.35 6.09
N TYR B 173 35.35 -8.50 5.69
CA TYR B 173 36.50 -8.87 4.87
C TYR B 173 37.80 -8.88 5.71
N PRO B 174 38.53 -10.04 5.78
CA PRO B 174 38.23 -11.35 5.15
C PRO B 174 37.23 -12.20 5.95
N ASN B 175 36.98 -11.82 7.23
CA ASN B 175 36.10 -12.46 8.22
C ASN B 175 35.94 -11.48 9.41
N VAL B 176 35.12 -11.85 10.42
CA VAL B 176 34.85 -11.01 11.59
C VAL B 176 36.10 -10.78 12.44
N SER B 177 36.73 -11.87 12.91
CA SER B 177 37.91 -11.84 13.80
C SER B 177 39.13 -11.11 13.25
N GLN B 178 39.37 -11.19 11.92
CA GLN B 178 40.52 -10.59 11.23
C GLN B 178 40.21 -9.38 10.33
N SER B 179 39.04 -8.74 10.49
CA SER B 179 38.71 -7.57 9.66
C SER B 179 39.54 -6.33 10.06
N PRO B 180 40.33 -5.76 9.10
CA PRO B 180 41.09 -4.53 9.40
C PRO B 180 40.14 -3.33 9.60
N TYR B 181 38.99 -3.34 8.89
CA TYR B 181 37.91 -2.33 8.99
C TYR B 181 37.36 -2.32 10.42
N LEU B 182 36.95 -3.50 10.95
CA LEU B 182 36.43 -3.60 12.32
C LEU B 182 37.53 -3.33 13.34
N ARG B 183 38.79 -3.75 13.03
CA ARG B 183 39.96 -3.52 13.89
C ARG B 183 40.08 -1.99 14.17
N THR B 184 40.07 -1.17 13.09
CA THR B 184 40.12 0.28 13.18
C THR B 184 38.91 0.79 14.00
N VAL B 185 37.70 0.27 13.69
CA VAL B 185 36.47 0.63 14.38
C VAL B 185 36.64 0.43 15.91
N GLY B 186 37.06 -0.75 16.32
CA GLY B 186 37.25 -1.07 17.73
C GLY B 186 38.27 -0.21 18.44
N GLU B 187 39.36 0.12 17.72
CA GLU B 187 40.48 0.87 18.28
C GLU B 187 40.28 2.36 18.32
N LYS B 188 39.69 2.93 17.26
CA LYS B 188 39.58 4.37 17.15
C LYS B 188 38.20 4.94 17.44
N LEU B 189 37.11 4.14 17.34
CA LEU B 189 35.78 4.69 17.63
C LEU B 189 35.61 4.94 19.10
N LEU B 190 35.35 6.19 19.46
CA LEU B 190 35.19 6.61 20.84
C LEU B 190 34.37 5.60 21.65
N PRO B 191 34.80 5.29 22.89
CA PRO B 191 34.09 4.26 23.68
C PRO B 191 32.59 4.50 23.91
N GLY B 192 32.18 5.77 23.98
CA GLY B 192 30.78 6.14 24.22
C GLY B 192 29.81 5.92 23.08
N ILE B 193 30.33 5.53 21.88
CA ILE B 193 29.54 5.31 20.68
C ILE B 193 29.17 3.84 20.55
N GLU B 194 27.90 3.55 20.20
CA GLU B 194 27.46 2.16 20.03
C GLU B 194 27.63 1.67 18.63
N VAL B 195 27.80 0.35 18.47
CA VAL B 195 28.01 -0.25 17.14
C VAL B 195 26.83 -1.17 16.81
N LEU B 196 26.17 -0.91 15.65
CA LEU B 196 25.03 -1.72 15.19
C LEU B 196 25.53 -2.97 14.45
N TRP B 197 24.81 -4.10 14.61
CA TRP B 197 25.22 -5.39 14.06
C TRP B 197 24.00 -6.24 13.77
N THR B 198 23.94 -6.90 12.60
CA THR B 198 22.76 -7.70 12.24
C THR B 198 22.93 -9.22 12.46
N GLY B 199 24.07 -9.60 13.04
CA GLY B 199 24.42 -10.99 13.31
C GLY B 199 25.22 -11.61 12.16
N PRO B 200 25.17 -12.94 11.99
CA PRO B 200 25.95 -13.58 10.89
C PRO B 200 25.63 -13.16 9.46
N LYS B 201 24.38 -12.77 9.22
CA LYS B 201 23.88 -12.37 7.89
C LYS B 201 23.09 -11.08 8.02
N VAL B 202 22.67 -10.52 6.87
CA VAL B 202 21.79 -9.34 6.84
C VAL B 202 20.48 -9.76 7.50
N VAL B 203 19.93 -10.90 7.09
CA VAL B 203 18.73 -11.51 7.69
C VAL B 203 19.24 -12.76 8.37
N SER B 204 19.47 -12.70 9.69
CA SER B 204 20.05 -13.84 10.40
C SER B 204 18.99 -14.82 10.88
N LYS B 205 19.13 -16.10 10.46
CA LYS B 205 18.27 -17.20 10.91
C LYS B 205 18.38 -17.34 12.42
N GLU B 206 19.61 -17.30 12.91
CA GLU B 206 19.96 -17.37 14.33
C GLU B 206 21.11 -16.44 14.58
N ILE B 207 21.16 -15.87 15.78
CA ILE B 207 22.28 -15.04 16.24
C ILE B 207 22.94 -15.82 17.42
N PRO B 208 23.92 -16.70 17.12
CA PRO B 208 24.55 -17.51 18.19
C PRO B 208 25.41 -16.67 19.10
N VAL B 209 25.38 -16.94 20.43
CA VAL B 209 26.17 -16.26 21.47
C VAL B 209 27.67 -16.12 21.09
N GLU B 210 28.27 -17.21 20.58
CA GLU B 210 29.66 -17.28 20.16
C GLU B 210 30.02 -16.23 19.08
N SER B 211 29.03 -15.92 18.19
CA SER B 211 29.24 -14.91 17.12
C SER B 211 29.30 -13.50 17.71
N ILE B 212 28.54 -13.25 18.80
CA ILE B 212 28.51 -11.96 19.51
C ILE B 212 29.82 -11.73 20.28
N GLU B 213 30.37 -12.83 20.88
CA GLU B 213 31.67 -12.81 21.55
C GLU B 213 32.74 -12.52 20.51
N GLU B 214 32.64 -13.18 19.33
CA GLU B 214 33.58 -12.99 18.24
C GLU B 214 33.70 -11.49 17.87
N VAL B 215 32.57 -10.87 17.45
CA VAL B 215 32.48 -9.45 17.05
C VAL B 215 32.80 -8.50 18.22
N SER B 216 32.33 -8.79 19.46
CA SER B 216 32.58 -7.91 20.61
C SER B 216 34.07 -7.72 20.88
N LYS B 217 34.89 -8.78 20.62
CA LYS B 217 36.33 -8.73 20.79
C LYS B 217 36.98 -7.72 19.83
N ILE B 218 36.70 -7.82 18.50
CA ILE B 218 37.29 -6.92 17.51
C ILE B 218 36.73 -5.46 17.59
N ILE B 219 35.43 -5.29 17.96
CA ILE B 219 34.85 -3.93 18.06
C ILE B 219 35.09 -3.35 19.45
N LYS B 220 35.55 -4.21 20.41
CA LYS B 220 35.92 -3.87 21.78
C LYS B 220 34.75 -3.31 22.61
N ARG B 221 33.53 -3.81 22.33
CA ARG B 221 32.29 -3.44 23.02
C ARG B 221 31.14 -4.40 22.68
N ALA B 222 30.10 -4.41 23.51
CA ALA B 222 28.89 -5.22 23.26
C ALA B 222 28.10 -4.43 22.22
N PRO B 223 27.63 -5.05 21.12
CA PRO B 223 26.89 -4.29 20.11
C PRO B 223 25.40 -4.14 20.42
N VAL B 224 24.73 -3.34 19.58
CA VAL B 224 23.28 -3.15 19.54
C VAL B 224 22.90 -3.90 18.25
N ILE B 225 22.04 -4.91 18.41
CA ILE B 225 21.56 -5.67 17.27
C ILE B 225 20.55 -4.80 16.51
N TRP B 226 20.75 -4.68 15.20
CA TRP B 226 19.80 -4.13 14.22
C TRP B 226 19.30 -5.46 13.61
N ASP B 227 18.10 -5.92 14.03
CA ASP B 227 17.59 -7.22 13.62
C ASP B 227 16.70 -7.15 12.36
N ASN B 228 17.03 -7.98 11.35
CA ASN B 228 16.25 -8.00 10.11
C ASN B 228 15.39 -9.27 9.98
N ILE B 229 15.17 -10.00 11.08
CA ILE B 229 14.31 -11.21 11.12
C ILE B 229 12.91 -10.99 10.41
N HIS B 230 12.22 -9.88 10.71
CA HIS B 230 10.87 -9.63 10.16
C HIS B 230 10.83 -8.62 9.00
N ALA B 231 12.02 -8.21 8.48
CA ALA B 231 12.10 -7.27 7.35
C ALA B 231 11.62 -8.01 6.08
N ASN B 232 10.97 -7.28 5.15
CA ASN B 232 10.40 -7.90 3.96
C ASN B 232 10.50 -6.98 2.72
N ASP B 233 11.45 -6.05 2.70
CA ASP B 233 11.55 -5.14 1.59
C ASP B 233 12.38 -5.71 0.44
N TYR B 234 12.77 -6.98 0.57
CA TYR B 234 13.58 -7.72 -0.39
C TYR B 234 12.72 -8.69 -1.24
N ASP B 235 11.42 -8.67 -1.00
CA ASP B 235 10.42 -9.45 -1.71
C ASP B 235 9.04 -8.89 -1.45
N GLN B 236 8.44 -8.30 -2.50
CA GLN B 236 7.11 -7.67 -2.52
C GLN B 236 5.97 -8.67 -2.18
N LYS B 237 6.27 -9.98 -2.28
CA LYS B 237 5.31 -11.05 -2.01
C LYS B 237 5.57 -11.76 -0.69
N ARG B 238 6.33 -11.14 0.22
CA ARG B 238 6.58 -11.77 1.52
C ARG B 238 6.15 -10.89 2.68
N LEU B 239 5.71 -11.55 3.78
CA LEU B 239 5.20 -10.98 5.03
C LEU B 239 5.56 -11.95 6.18
N PHE B 240 6.13 -11.43 7.28
CA PHE B 240 6.53 -12.25 8.43
C PHE B 240 5.76 -11.87 9.67
N LEU B 241 4.76 -12.71 9.99
CA LEU B 241 3.89 -12.57 11.16
C LEU B 241 4.29 -13.56 12.26
N GLY B 242 5.40 -14.28 12.07
CA GLY B 242 5.89 -15.25 13.05
C GLY B 242 6.56 -14.62 14.26
N PRO B 243 6.88 -15.40 15.31
CA PRO B 243 7.51 -14.83 16.51
C PRO B 243 9.03 -14.62 16.38
N TYR B 244 9.57 -13.77 17.28
CA TYR B 244 10.98 -13.51 17.43
C TYR B 244 11.63 -14.90 17.75
N LYS B 245 12.57 -15.35 16.92
CA LYS B 245 13.13 -16.71 16.99
C LYS B 245 14.60 -16.71 16.51
N GLY B 246 15.43 -17.57 17.13
CA GLY B 246 16.84 -17.73 16.77
C GLY B 246 17.80 -16.87 17.57
N ARG B 247 17.31 -16.25 18.63
CA ARG B 247 18.11 -15.36 19.49
C ARG B 247 17.86 -15.74 20.92
N SER B 248 18.85 -16.36 21.56
CA SER B 248 18.74 -16.77 22.96
C SER B 248 18.70 -15.54 23.83
N THR B 249 18.01 -15.65 24.96
CA THR B 249 17.93 -14.62 25.98
C THR B 249 19.34 -14.42 26.59
N GLU B 250 20.20 -15.46 26.43
CA GLU B 250 21.61 -15.45 26.85
C GLU B 250 22.42 -14.32 26.14
N LEU B 251 21.87 -13.78 25.03
CA LEU B 251 22.46 -12.66 24.29
C LEU B 251 22.25 -11.34 25.06
N ILE B 252 21.19 -11.27 25.89
CA ILE B 252 20.85 -10.01 26.59
C ILE B 252 22.07 -9.47 27.43
N PRO B 253 22.77 -10.24 28.32
CA PRO B 253 23.91 -9.65 29.06
C PRO B 253 25.16 -9.39 28.20
N ARG B 254 25.20 -9.97 26.97
CA ARG B 254 26.27 -9.79 25.99
C ARG B 254 25.98 -8.65 24.98
N LEU B 255 24.83 -7.92 25.14
CA LEU B 255 24.40 -6.86 24.22
C LEU B 255 24.05 -5.53 24.83
N LYS B 256 24.19 -4.45 24.04
CA LYS B 256 23.80 -3.10 24.46
C LYS B 256 22.32 -2.82 24.04
N GLY B 257 21.75 -3.69 23.21
CA GLY B 257 20.37 -3.59 22.81
C GLY B 257 19.98 -4.39 21.59
N VAL B 258 18.66 -4.41 21.31
CA VAL B 258 18.06 -5.02 20.13
C VAL B 258 17.04 -4.03 19.56
N LEU B 259 17.22 -3.67 18.28
CA LEU B 259 16.34 -2.80 17.51
C LEU B 259 15.84 -3.60 16.32
N THR B 260 14.54 -3.94 16.32
CA THR B 260 14.00 -4.75 15.22
C THR B 260 13.62 -3.87 14.00
N ASN B 261 14.04 -4.30 12.79
CA ASN B 261 13.75 -3.65 11.48
C ASN B 261 12.65 -4.53 10.87
N PRO B 262 11.37 -4.19 11.08
CA PRO B 262 10.31 -5.13 10.69
C PRO B 262 9.75 -4.95 9.26
N ASN B 263 8.59 -5.59 8.95
CA ASN B 263 7.85 -5.54 7.68
C ASN B 263 7.54 -4.09 7.35
N CYS B 264 7.48 -3.78 6.04
CA CYS B 264 7.12 -2.45 5.58
C CYS B 264 5.72 -2.08 6.03
N GLU B 265 4.79 -3.03 5.94
CA GLU B 265 3.37 -2.87 6.28
C GLU B 265 3.20 -2.78 7.78
N PHE B 266 3.02 -1.55 8.27
CA PHE B 266 2.96 -1.22 9.69
C PHE B 266 2.15 -2.19 10.55
N GLU B 267 0.87 -2.37 10.23
CA GLU B 267 -0.03 -3.24 11.02
C GLU B 267 0.38 -4.72 11.08
N ALA B 268 1.28 -5.16 10.20
CA ALA B 268 1.72 -6.54 10.20
C ALA B 268 2.80 -6.77 11.28
N ASN B 269 3.22 -5.70 11.98
CA ASN B 269 4.33 -5.80 12.92
C ASN B 269 3.92 -6.00 14.37
N TYR B 270 2.63 -6.29 14.62
CA TYR B 270 2.12 -6.59 15.96
C TYR B 270 2.88 -7.74 16.63
N VAL B 271 2.91 -8.93 16.01
CA VAL B 271 3.61 -10.12 16.53
C VAL B 271 5.10 -9.85 16.66
N ALA B 272 5.74 -9.35 15.58
CA ALA B 272 7.17 -9.02 15.54
C ALA B 272 7.64 -8.20 16.78
N ILE B 273 6.87 -7.15 17.15
CA ILE B 273 7.21 -6.25 18.24
C ILE B 273 6.75 -6.79 19.57
N HIS B 274 5.52 -7.38 19.64
CA HIS B 274 4.97 -7.98 20.85
C HIS B 274 5.89 -9.13 21.35
N THR B 275 6.31 -10.07 20.45
CA THR B 275 7.17 -11.22 20.81
C THR B 275 8.57 -10.78 21.26
N LEU B 276 9.12 -9.72 20.61
CA LEU B 276 10.41 -9.13 21.00
C LEU B 276 10.32 -8.59 22.44
N ALA B 277 9.21 -7.92 22.78
CA ALA B 277 8.99 -7.40 24.12
C ALA B 277 8.92 -8.57 25.13
N THR B 278 8.23 -9.69 24.76
CA THR B 278 8.13 -10.90 25.58
C THR B 278 9.54 -11.47 25.81
N TRP B 279 10.35 -11.57 24.73
CA TRP B 279 11.73 -12.06 24.77
C TRP B 279 12.59 -11.21 25.73
N TYR B 280 12.48 -9.87 25.64
CA TYR B 280 13.22 -8.91 26.44
C TYR B 280 12.89 -9.01 27.93
N LYS B 281 11.62 -9.28 28.26
CA LYS B 281 11.18 -9.32 29.65
C LYS B 281 10.99 -10.76 30.15
N SER B 282 11.47 -11.75 29.37
CA SER B 282 11.28 -13.18 29.64
C SER B 282 11.98 -13.76 30.88
N ASN B 283 12.91 -13.00 31.53
CA ASN B 283 13.67 -13.48 32.69
C ASN B 283 14.48 -14.74 32.31
N MET B 284 15.18 -14.64 31.17
CA MET B 284 16.08 -15.63 30.55
C MET B 284 15.40 -16.98 30.24
N ASN B 285 14.06 -16.95 30.10
CA ASN B 285 13.26 -18.12 29.78
C ASN B 285 12.16 -17.72 28.79
N TYR B 286 12.41 -17.99 27.49
CA TYR B 286 11.57 -17.59 26.36
C TYR B 286 11.24 -18.73 25.41
N SER B 287 9.96 -18.80 25.04
CA SER B 287 9.45 -19.78 24.09
C SER B 287 8.78 -19.07 22.87
N PRO B 288 9.31 -19.20 21.64
CA PRO B 288 8.64 -18.59 20.48
C PRO B 288 7.17 -18.99 20.32
N GLN B 289 6.83 -20.29 20.54
CA GLN B 289 5.46 -20.81 20.45
C GLN B 289 4.52 -20.20 21.50
N MET B 290 5.00 -20.09 22.75
CA MET B 290 4.23 -19.51 23.87
C MET B 290 4.03 -18.02 23.64
N ALA B 291 5.11 -17.33 23.19
CA ALA B 291 5.14 -15.92 22.86
C ALA B 291 4.17 -15.60 21.71
N LEU B 292 4.17 -16.42 20.64
CA LEU B 292 3.28 -16.30 19.47
C LEU B 292 1.81 -16.41 19.89
N LYS B 293 1.49 -17.35 20.79
CA LYS B 293 0.16 -17.53 21.34
C LYS B 293 -0.29 -16.27 22.10
N LEU B 294 0.58 -15.69 22.93
CA LEU B 294 0.29 -14.46 23.68
C LEU B 294 -0.02 -13.31 22.75
N ALA B 295 0.88 -13.08 21.78
CA ALA B 295 0.81 -12.04 20.75
C ALA B 295 -0.49 -12.15 19.96
N LEU B 296 -0.81 -13.35 19.44
CA LEU B 296 -2.05 -13.65 18.69
C LEU B 296 -3.32 -13.37 19.50
N THR B 297 -3.34 -13.81 20.78
CA THR B 297 -4.44 -13.58 21.72
C THR B 297 -4.67 -12.08 21.93
N GLU B 298 -3.58 -11.32 22.15
CA GLU B 298 -3.62 -9.87 22.35
C GLU B 298 -4.01 -9.13 21.05
N TRP B 299 -3.51 -9.64 19.89
CA TRP B 299 -3.78 -9.07 18.57
C TRP B 299 -5.25 -9.10 18.26
N LEU B 300 -5.95 -10.21 18.62
CA LEU B 300 -7.37 -10.45 18.39
C LEU B 300 -8.27 -9.32 18.92
N GLN B 301 -7.88 -8.69 20.05
CA GLN B 301 -8.61 -7.56 20.65
C GLN B 301 -8.69 -6.39 19.63
N GLU B 302 -7.61 -6.20 18.86
CA GLU B 302 -7.49 -5.13 17.86
C GLU B 302 -8.38 -5.35 16.63
N PHE B 303 -9.00 -6.54 16.51
CA PHE B 303 -9.87 -6.92 15.38
C PHE B 303 -11.35 -6.64 15.62
N GLY B 304 -11.73 -6.33 16.88
CA GLY B 304 -13.10 -6.04 17.28
C GLY B 304 -13.48 -4.58 17.15
N ASP B 325 -30.12 -3.88 20.70
CA ASP B 325 -30.81 -2.59 20.81
C ASP B 325 -32.11 -2.47 19.95
N PRO B 326 -32.18 -2.93 18.66
CA PRO B 326 -33.44 -2.77 17.91
C PRO B 326 -34.58 -3.67 18.37
N GLY B 327 -35.81 -3.32 17.98
CA GLY B 327 -37.00 -4.11 18.25
C GLY B 327 -37.16 -5.23 17.22
N PRO B 328 -38.14 -6.16 17.41
CA PRO B 328 -38.31 -7.25 16.43
C PRO B 328 -38.75 -6.81 15.02
N ASN B 329 -39.44 -5.66 14.91
CA ASN B 329 -39.92 -5.12 13.64
C ASN B 329 -39.01 -3.98 13.11
N GLU B 330 -37.95 -3.65 13.91
CA GLU B 330 -36.95 -2.64 13.58
C GLU B 330 -35.79 -3.28 12.79
N LYS B 331 -34.92 -2.42 12.19
CA LYS B 331 -33.78 -2.86 11.37
C LYS B 331 -32.65 -3.47 12.23
N PRO B 332 -32.15 -4.69 11.90
CA PRO B 332 -31.04 -5.27 12.70
C PRO B 332 -29.73 -4.53 12.43
N LEU B 333 -28.95 -4.33 13.51
CA LEU B 333 -27.64 -3.66 13.48
C LEU B 333 -26.68 -4.42 12.56
N TYR B 334 -25.74 -3.68 11.91
CA TYR B 334 -24.74 -4.28 11.05
C TYR B 334 -23.91 -5.27 11.90
N THR B 335 -23.79 -6.51 11.41
CA THR B 335 -23.06 -7.57 12.09
C THR B 335 -22.28 -8.39 11.06
N ALA B 336 -21.07 -8.80 11.47
CA ALA B 336 -20.20 -9.69 10.70
C ALA B 336 -19.76 -10.85 11.59
N GLU B 337 -19.60 -12.06 10.98
CA GLU B 337 -19.06 -13.26 11.69
C GLU B 337 -17.62 -12.83 12.06
N PRO B 338 -17.30 -12.73 13.37
CA PRO B 338 -15.98 -12.20 13.78
C PRO B 338 -14.80 -13.11 13.57
N VAL B 339 -13.60 -12.49 13.47
CA VAL B 339 -12.29 -13.12 13.31
C VAL B 339 -11.99 -13.90 14.60
N THR B 340 -11.50 -15.12 14.44
CA THR B 340 -11.18 -16.02 15.55
C THR B 340 -9.67 -16.11 15.74
N LEU B 341 -9.28 -16.65 16.91
CA LEU B 341 -7.88 -16.93 17.25
C LEU B 341 -7.31 -17.92 16.23
N GLU B 342 -8.12 -18.91 15.84
CA GLU B 342 -7.77 -19.96 14.86
C GLU B 342 -7.44 -19.31 13.50
N ASP B 343 -8.20 -18.27 13.10
CA ASP B 343 -7.98 -17.52 11.86
C ASP B 343 -6.61 -16.84 11.89
N LEU B 344 -6.26 -16.27 13.07
CA LEU B 344 -4.99 -15.59 13.28
C LEU B 344 -3.84 -16.56 13.34
N GLN B 345 -4.06 -17.76 13.98
CA GLN B 345 -3.05 -18.83 14.03
C GLN B 345 -2.79 -19.29 12.62
N LEU B 346 -3.86 -19.50 11.83
CA LEU B 346 -3.72 -19.87 10.43
C LEU B 346 -3.00 -18.80 9.63
N LEU B 347 -3.38 -17.53 9.80
CA LEU B 347 -2.76 -16.40 9.08
C LEU B 347 -1.23 -16.25 9.35
N ALA B 348 -0.84 -16.29 10.62
CA ALA B 348 0.56 -16.24 11.06
C ALA B 348 1.35 -17.44 10.52
N ASP B 349 0.70 -18.63 10.41
CA ASP B 349 1.33 -19.82 9.89
C ASP B 349 1.56 -19.73 8.39
N LEU B 350 0.71 -18.95 7.67
CA LEU B 350 0.85 -18.77 6.22
C LEU B 350 1.94 -17.75 5.88
N PHE B 351 2.13 -16.76 6.76
CA PHE B 351 3.07 -15.65 6.60
C PHE B 351 3.91 -15.68 7.89
N TYR B 352 4.87 -16.61 7.93
CA TYR B 352 5.59 -16.89 9.15
C TYR B 352 6.94 -16.21 9.29
N LEU B 353 8.03 -16.93 8.94
CA LEU B 353 9.39 -16.43 9.12
C LEU B 353 10.21 -16.57 7.84
N PRO B 354 11.31 -15.79 7.67
CA PRO B 354 12.11 -15.92 6.44
C PRO B 354 12.64 -17.33 6.16
N TYR B 355 12.94 -18.11 7.20
CA TYR B 355 13.51 -19.45 6.99
C TYR B 355 12.55 -20.59 7.31
N GLU B 356 11.29 -20.27 7.60
CA GLU B 356 10.32 -21.33 7.86
C GLU B 356 8.88 -20.87 7.76
N HIS B 357 8.04 -21.75 7.22
CA HIS B 357 6.60 -21.54 7.19
C HIS B 357 6.12 -22.07 8.54
N GLY B 358 4.93 -21.66 8.94
CA GLY B 358 4.34 -22.11 10.19
C GLY B 358 3.81 -23.52 10.04
N PRO B 359 3.63 -24.27 11.15
CA PRO B 359 3.14 -25.66 11.03
C PRO B 359 1.99 -25.86 10.07
N LYS B 360 0.92 -25.08 10.20
CA LYS B 360 -0.26 -25.25 9.35
C LYS B 360 0.02 -25.02 7.85
N GLY B 361 0.91 -24.06 7.54
CA GLY B 361 1.30 -23.74 6.16
C GLY B 361 2.23 -24.78 5.56
N ALA B 362 3.19 -25.24 6.36
CA ALA B 362 4.16 -26.28 6.01
C ALA B 362 3.37 -27.58 5.73
N GLN B 363 2.39 -27.93 6.61
CA GLN B 363 1.53 -29.08 6.46
C GLN B 363 0.72 -29.03 5.14
N MET B 364 0.04 -27.88 4.88
CA MET B 364 -0.76 -27.71 3.66
C MET B 364 0.07 -27.95 2.42
N LEU B 365 1.28 -27.35 2.38
CA LEU B 365 2.20 -27.51 1.24
C LEU B 365 2.55 -28.97 1.00
N ARG B 366 2.93 -29.67 2.09
CA ARG B 366 3.26 -31.09 2.07
C ARG B 366 2.10 -31.93 1.55
N GLU B 367 0.89 -31.66 2.09
CA GLU B 367 -0.33 -32.34 1.63
C GLU B 367 -0.53 -32.17 0.13
N PHE B 368 -0.39 -30.92 -0.38
CA PHE B 368 -0.55 -30.65 -1.81
C PHE B 368 0.51 -31.36 -2.64
N GLN B 369 1.77 -31.33 -2.19
CA GLN B 369 2.87 -32.02 -2.88
C GLN B 369 2.55 -33.51 -3.02
N TRP B 370 2.13 -34.14 -1.89
CA TRP B 370 1.81 -35.56 -1.79
C TRP B 370 0.68 -35.93 -2.71
N LEU B 371 -0.45 -35.22 -2.60
CA LEU B 371 -1.64 -35.47 -3.41
C LEU B 371 -1.35 -35.39 -4.89
N ARG B 372 -0.60 -34.35 -5.32
CA ARG B 372 -0.18 -34.17 -6.71
C ARG B 372 0.75 -35.32 -7.19
N ALA B 373 1.77 -35.67 -6.40
CA ALA B 373 2.73 -36.74 -6.67
C ALA B 373 2.08 -38.15 -6.73
N ASN B 374 1.03 -38.38 -5.91
CA ASN B 374 0.34 -39.68 -5.80
C ASN B 374 -1.05 -39.73 -6.48
N SER B 375 -1.39 -38.72 -7.31
CA SER B 375 -2.68 -38.64 -8.02
C SER B 375 -3.03 -39.85 -8.93
N SER B 376 -1.98 -40.60 -9.34
CA SER B 376 -2.09 -41.79 -10.20
C SER B 376 -2.94 -42.92 -9.58
N VAL B 377 -2.94 -43.05 -8.24
CA VAL B 377 -3.68 -44.11 -7.54
C VAL B 377 -5.21 -43.99 -7.76
N VAL B 378 -5.68 -42.78 -8.10
CA VAL B 378 -7.11 -42.45 -8.30
C VAL B 378 -7.41 -41.91 -9.74
N SER B 379 -6.50 -42.15 -10.71
CA SER B 379 -6.65 -41.63 -12.08
C SER B 379 -7.65 -42.35 -12.97
N SER B 387 -5.22 -50.19 -2.85
CA SER B 387 -6.56 -50.12 -2.25
C SER B 387 -6.54 -49.29 -0.97
N GLU B 388 -5.58 -49.59 -0.07
CA GLU B 388 -5.36 -48.84 1.16
C GLU B 388 -4.69 -47.50 0.80
N LYS B 389 -3.97 -47.48 -0.36
CA LYS B 389 -3.30 -46.31 -0.94
C LYS B 389 -4.35 -45.37 -1.50
N ILE B 390 -5.42 -45.92 -2.10
CA ILE B 390 -6.56 -45.14 -2.63
C ILE B 390 -7.26 -44.48 -1.42
N GLU B 391 -7.47 -45.27 -0.34
CA GLU B 391 -8.08 -44.83 0.91
C GLU B 391 -7.27 -43.69 1.48
N GLU B 392 -5.92 -43.85 1.53
CA GLU B 392 -5.03 -42.80 2.00
C GLU B 392 -5.18 -41.51 1.16
N TRP B 393 -5.21 -41.63 -0.19
CA TRP B 393 -5.33 -40.49 -1.08
C TRP B 393 -6.62 -39.71 -0.88
N ARG B 394 -7.74 -40.41 -0.85
CA ARG B 394 -9.07 -39.83 -0.66
C ARG B 394 -9.20 -39.17 0.71
N SER B 395 -8.59 -39.78 1.75
CA SER B 395 -8.66 -39.28 3.12
C SER B 395 -7.85 -37.99 3.28
N ARG B 396 -6.67 -37.94 2.64
CA ARG B 396 -5.77 -36.81 2.68
C ARG B 396 -6.32 -35.70 1.79
N ALA B 397 -7.03 -36.08 0.70
CA ALA B 397 -7.65 -35.11 -0.22
C ALA B 397 -8.78 -34.38 0.49
N ALA B 398 -9.60 -35.13 1.26
CA ALA B 398 -10.73 -34.59 1.99
C ALA B 398 -10.24 -33.65 3.10
N LYS B 399 -9.18 -34.06 3.84
CA LYS B 399 -8.59 -33.22 4.88
C LYS B 399 -7.99 -31.91 4.29
N PHE B 400 -7.40 -32.01 3.09
CA PHE B 400 -6.81 -30.87 2.39
C PHE B 400 -7.87 -29.85 1.97
N GLU B 401 -8.98 -30.35 1.46
CA GLU B 401 -10.10 -29.51 1.01
C GLU B 401 -10.69 -28.75 2.20
N GLU B 402 -10.73 -29.37 3.39
CA GLU B 402 -11.16 -28.70 4.60
C GLU B 402 -10.15 -27.63 4.94
N MET B 403 -8.83 -27.95 4.87
CA MET B 403 -7.75 -26.98 5.12
C MET B 403 -7.91 -25.78 4.19
N CYS B 404 -8.20 -26.02 2.90
CA CYS B 404 -8.43 -24.98 1.89
C CYS B 404 -9.61 -24.10 2.24
N GLY B 405 -10.71 -24.72 2.71
CA GLY B 405 -11.92 -24.03 3.12
C GLY B 405 -11.66 -23.09 4.29
N LEU B 406 -10.80 -23.52 5.24
CA LEU B 406 -10.42 -22.76 6.42
C LEU B 406 -9.66 -21.49 6.08
N VAL B 407 -8.90 -21.52 4.95
CA VAL B 407 -8.12 -20.41 4.43
C VAL B 407 -9.11 -19.42 3.87
N MET B 408 -10.17 -19.93 3.21
CA MET B 408 -11.24 -19.12 2.64
C MET B 408 -12.07 -18.52 3.78
N GLY B 409 -12.31 -19.29 4.82
CA GLY B 409 -13.04 -18.88 6.00
C GLY B 409 -12.34 -17.70 6.63
N MET B 410 -11.01 -17.83 6.82
CA MET B 410 -10.11 -16.81 7.36
C MET B 410 -10.19 -15.54 6.51
N PHE B 411 -9.97 -15.68 5.18
CA PHE B 411 -10.04 -14.53 4.26
C PHE B 411 -11.31 -13.72 4.46
N THR B 412 -12.46 -14.40 4.32
CA THR B 412 -13.83 -13.86 4.44
C THR B 412 -14.04 -13.13 5.75
N ARG B 413 -13.67 -13.75 6.86
CA ARG B 413 -13.84 -13.16 8.15
C ARG B 413 -12.96 -11.92 8.35
N LEU B 414 -11.71 -11.93 7.85
CA LEU B 414 -10.78 -10.81 7.89
C LEU B 414 -11.34 -9.64 7.06
N SER B 415 -11.80 -9.97 5.83
CA SER B 415 -12.32 -9.02 4.84
C SER B 415 -13.61 -8.32 5.31
N ASN B 416 -14.30 -8.92 6.29
CA ASN B 416 -15.53 -8.37 6.86
C ASN B 416 -15.34 -7.98 8.33
N CYS B 417 -14.10 -7.73 8.78
CA CYS B 417 -13.89 -7.37 10.18
C CYS B 417 -14.02 -5.85 10.42
N ALA B 418 -14.03 -5.42 11.70
CA ALA B 418 -14.21 -4.04 12.13
C ALA B 418 -13.02 -3.15 11.83
N ASN B 419 -11.77 -3.70 11.92
CA ASN B 419 -10.51 -3.00 11.74
C ASN B 419 -9.99 -3.04 10.30
N ARG B 420 -10.38 -2.00 9.56
CA ARG B 420 -10.05 -1.77 8.16
C ARG B 420 -8.57 -1.42 8.02
N THR B 421 -8.04 -0.67 9.01
CA THR B 421 -6.62 -0.30 9.09
C THR B 421 -5.70 -1.54 9.01
N ILE B 422 -5.96 -2.57 9.89
CA ILE B 422 -5.19 -3.82 9.95
C ILE B 422 -5.35 -4.57 8.62
N LEU B 423 -6.63 -4.66 8.16
CA LEU B 423 -7.00 -5.36 6.93
C LEU B 423 -6.26 -4.86 5.70
N TYR B 424 -6.33 -3.54 5.44
CA TYR B 424 -5.73 -3.02 4.23
C TYR B 424 -4.22 -2.99 4.25
N ASP B 425 -3.59 -3.16 5.41
CA ASP B 425 -2.13 -3.27 5.44
C ASP B 425 -1.67 -4.65 4.94
N MET B 426 -2.54 -5.68 5.01
CA MET B 426 -2.14 -7.01 4.59
C MET B 426 -2.93 -7.58 3.45
N TYR B 427 -4.12 -7.02 3.16
CA TYR B 427 -5.08 -7.46 2.13
C TYR B 427 -4.45 -8.15 0.90
N SER B 428 -3.52 -7.49 0.19
CA SER B 428 -2.89 -8.07 -1.00
C SER B 428 -2.32 -9.46 -0.77
N TYR B 429 -1.66 -9.68 0.39
CA TYR B 429 -1.03 -10.95 0.76
C TYR B 429 -2.05 -12.05 0.95
N VAL B 430 -3.12 -11.71 1.70
CA VAL B 430 -4.25 -12.58 2.03
C VAL B 430 -5.06 -12.91 0.78
N TRP B 431 -5.41 -11.90 -0.02
CA TRP B 431 -6.11 -12.02 -1.28
C TRP B 431 -5.35 -12.99 -2.19
N ASP B 432 -4.03 -12.76 -2.37
CA ASP B 432 -3.12 -13.58 -3.17
C ASP B 432 -3.08 -15.05 -2.76
N ILE B 433 -3.01 -15.34 -1.44
CA ILE B 433 -2.94 -16.72 -0.97
C ILE B 433 -4.30 -17.42 -1.17
N LYS B 434 -5.39 -16.67 -0.89
CA LYS B 434 -6.78 -17.08 -1.02
C LYS B 434 -7.04 -17.50 -2.49
N SER B 435 -6.59 -16.66 -3.43
CA SER B 435 -6.76 -16.86 -4.86
C SER B 435 -6.08 -18.11 -5.35
N ILE B 436 -4.76 -18.26 -5.03
CA ILE B 436 -3.91 -19.43 -5.38
C ILE B 436 -4.52 -20.69 -4.74
N MET B 437 -5.03 -20.61 -3.50
CA MET B 437 -5.59 -21.78 -2.82
C MET B 437 -6.91 -22.29 -3.40
N SER B 438 -7.71 -21.42 -4.01
CA SER B 438 -8.97 -21.86 -4.58
C SER B 438 -8.70 -22.62 -5.90
N MET B 439 -7.62 -22.24 -6.63
CA MET B 439 -7.17 -22.94 -7.85
C MET B 439 -6.59 -24.34 -7.46
N VAL B 440 -5.98 -24.41 -6.27
CA VAL B 440 -5.35 -25.60 -5.70
C VAL B 440 -6.42 -26.57 -5.24
N LYS B 441 -7.47 -26.08 -4.57
CA LYS B 441 -8.61 -26.91 -4.14
C LYS B 441 -9.34 -27.47 -5.40
N SER B 442 -9.54 -26.63 -6.45
CA SER B 442 -10.16 -27.01 -7.73
C SER B 442 -9.38 -28.14 -8.34
N PHE B 443 -8.06 -27.98 -8.46
CA PHE B 443 -7.15 -28.97 -9.03
C PHE B 443 -7.20 -30.29 -8.29
N VAL B 444 -7.17 -30.23 -6.94
CA VAL B 444 -7.24 -31.45 -6.10
C VAL B 444 -8.59 -32.15 -6.29
N GLN B 445 -9.67 -31.38 -6.45
CA GLN B 445 -11.02 -31.91 -6.71
C GLN B 445 -11.11 -32.56 -8.08
N TRP B 446 -10.47 -31.92 -9.08
CA TRP B 446 -10.41 -32.42 -10.44
C TRP B 446 -9.70 -33.77 -10.45
N LEU B 447 -8.56 -33.86 -9.73
CA LEU B 447 -7.77 -35.09 -9.63
C LEU B 447 -8.60 -36.26 -9.04
N GLY B 448 -9.58 -35.91 -8.20
CA GLY B 448 -10.48 -36.83 -7.52
C GLY B 448 -11.60 -37.35 -8.42
N GLU B 449 -12.14 -36.48 -9.28
CA GLU B 449 -13.20 -36.77 -10.25
C GLU B 449 -12.69 -37.52 -11.53
N ARG B 450 -11.36 -37.72 -11.67
CA ARG B 450 -10.69 -38.38 -12.80
C ARG B 450 -11.24 -39.76 -13.18
N SER B 451 -11.55 -40.60 -12.16
CA SER B 451 -12.09 -41.95 -12.33
C SER B 451 -13.52 -41.94 -12.96
N HIS B 452 -14.30 -40.86 -12.72
CA HIS B 452 -15.65 -40.68 -13.23
C HIS B 452 -15.73 -39.66 -14.38
N SER B 453 -14.61 -38.97 -14.73
CA SER B 453 -14.63 -37.90 -15.74
C SER B 453 -13.38 -37.83 -16.63
N SER B 454 -13.60 -37.50 -17.92
CA SER B 454 -12.57 -37.32 -18.97
C SER B 454 -12.39 -35.80 -19.29
N ALA B 455 -13.12 -34.92 -18.56
CA ALA B 455 -13.02 -33.47 -18.69
C ALA B 455 -11.60 -33.01 -18.32
N GLN B 456 -11.10 -31.99 -19.01
CA GLN B 456 -9.76 -31.50 -18.81
C GLN B 456 -9.71 -30.33 -17.83
N PHE B 457 -8.59 -30.21 -17.08
CA PHE B 457 -8.41 -29.09 -16.14
C PHE B 457 -7.61 -28.02 -16.83
N LEU B 458 -8.18 -26.83 -16.94
CA LEU B 458 -7.50 -25.72 -17.58
C LEU B 458 -7.39 -24.52 -16.63
N ILE B 459 -6.16 -24.00 -16.51
CA ILE B 459 -5.81 -22.81 -15.71
C ILE B 459 -6.55 -21.60 -16.31
N GLY B 460 -6.67 -21.60 -17.65
CA GLY B 460 -7.40 -20.59 -18.41
C GLY B 460 -8.88 -20.53 -18.03
N ASP B 461 -9.46 -21.68 -17.59
CA ASP B 461 -10.86 -21.81 -17.15
C ASP B 461 -11.04 -21.33 -15.71
N GLN B 462 -9.94 -21.14 -14.97
CA GLN B 462 -9.97 -20.68 -13.59
C GLN B 462 -10.16 -19.17 -13.55
N GLU B 463 -11.04 -18.71 -12.64
CA GLU B 463 -11.39 -17.31 -12.43
C GLU B 463 -10.16 -16.37 -12.22
N PRO B 464 -9.14 -16.69 -11.34
CA PRO B 464 -8.00 -15.76 -11.17
C PRO B 464 -7.20 -15.48 -12.44
N TRP B 465 -7.19 -16.43 -13.39
CA TRP B 465 -6.50 -16.30 -14.68
C TRP B 465 -7.39 -15.61 -15.73
N ALA B 466 -8.62 -16.12 -15.89
CA ALA B 466 -9.64 -15.68 -16.85
C ALA B 466 -10.20 -14.28 -16.58
N PHE B 467 -10.55 -13.98 -15.32
CA PHE B 467 -11.15 -12.70 -14.94
C PHE B 467 -10.12 -11.66 -14.45
N ARG B 468 -8.83 -11.88 -14.78
CA ARG B 468 -7.71 -11.00 -14.42
C ARG B 468 -7.83 -9.66 -15.20
N GLY B 469 -7.98 -8.57 -14.45
CA GLY B 469 -8.17 -7.22 -14.98
C GLY B 469 -6.90 -6.50 -15.44
N GLY B 470 -7.12 -5.39 -16.14
CA GLY B 470 -6.07 -4.53 -16.66
C GLY B 470 -5.46 -5.05 -17.96
N LEU B 471 -4.58 -4.23 -18.54
CA LEU B 471 -3.84 -4.53 -19.76
C LEU B 471 -2.99 -5.81 -19.56
N ALA B 472 -2.36 -5.94 -18.37
CA ALA B 472 -1.54 -7.09 -17.99
C ALA B 472 -2.32 -8.40 -18.09
N GLY B 473 -3.61 -8.36 -17.75
CA GLY B 473 -4.50 -9.51 -17.81
C GLY B 473 -4.82 -9.97 -19.22
N GLU B 474 -4.91 -9.00 -20.13
CA GLU B 474 -5.15 -9.26 -21.56
C GLU B 474 -3.96 -9.99 -22.17
N PHE B 475 -2.74 -9.51 -21.85
CA PHE B 475 -1.50 -10.13 -22.29
C PHE B 475 -1.35 -11.56 -21.72
N GLN B 476 -1.58 -11.72 -20.39
CA GLN B 476 -1.50 -12.96 -19.64
C GLN B 476 -2.43 -14.04 -20.26
N ARG B 477 -3.66 -13.66 -20.64
CA ARG B 477 -4.60 -14.60 -21.25
C ARG B 477 -4.12 -15.19 -22.57
N LEU B 478 -3.26 -14.44 -23.28
CA LEU B 478 -2.65 -14.82 -24.56
C LEU B 478 -1.37 -15.63 -24.41
N LEU B 479 -0.90 -15.80 -23.15
CA LEU B 479 0.25 -16.65 -22.87
C LEU B 479 -0.15 -18.14 -22.99
N PRO B 480 0.77 -19.04 -23.40
CA PRO B 480 0.37 -20.46 -23.59
C PRO B 480 0.27 -21.29 -22.30
N ILE B 481 -0.74 -20.94 -21.47
CA ILE B 481 -1.07 -21.68 -20.25
C ILE B 481 -1.69 -22.99 -20.76
N ASP B 482 -1.30 -24.16 -20.20
CA ASP B 482 -1.74 -25.50 -20.62
C ASP B 482 -1.15 -25.86 -21.99
#